data_7CRO
#
_entry.id   7CRO
#
_cell.length_a   1.00
_cell.length_b   1.00
_cell.length_c   1.00
_cell.angle_alpha   90.00
_cell.angle_beta   90.00
_cell.angle_gamma   90.00
#
_symmetry.space_group_name_H-M   'P 1'
#
loop_
_entity.id
_entity.type
_entity.pdbx_description
1 polymer 'Histone H3'
2 polymer 'Histone H4'
3 polymer 'Histone H2A'
4 polymer 'Histone H2B'
5 polymer 'DNA (168-MER)'
6 polymer 'DNA (168-MER)'
7 polymer 'Histone-lysine N-methyltransferase NSD2'
8 non-polymer S-ADENOSYLMETHIONINE
9 non-polymer 'ZINC ION'
#
loop_
_entity_poly.entity_id
_entity_poly.type
_entity_poly.pdbx_seq_one_letter_code
_entity_poly.pdbx_strand_id
1 'polypeptide(L)'
;ARTKQTARKSTGGKAPRKQLATKAARKSAPATGGV(NLE)KPHRYRPGTVALREIRRYQKSTELLIRKLPFQRLVREIAQ
DFKTDLRFQSSAV(NLE)ALQEASEAYLVGLFEDTNLCGIHAKRVTI(NLE)PKDIQLARRIRGERA
;
M,E
2 'polypeptide(L)'
;SGRGKGGKGLGKGGAKRHRKVLRDNIQGITKPAIRRLARRGGVKRISGLIYEETRGVLKVFLENVIRDAVTYTEHAKRKT
VTAMDVVYALKRQGRTLYGFGG
;
B,F
3 'polypeptide(L)'
;SGRGKQGGKTRAKAKTRSSRAGLQFPVGRVHRLLRKGNYAERVGAGAPVYLAAVLEYLTAEILELAGNAARDNKKTRIIP
RHLQLAVRNDEELNKLLGRVTIAQGGVLPNIQSVLLPKKTESSKSAKSK
;
C,G
4 'polypeptide(L)'
;AKSAPAPKKGSKKAVTKTQKKDGKKRRKTRKESYAIYVYKVLKQVHPDTGISSKAMSIMNSFVNDVFERIAGEASRLAHY
NKRSTITSREIQTAVRLLLPGELAKHAVSEGTKAVTKYTSAK
;
D,H
5 'polydeoxyribonucleotide'
;(DA)(DT)(DC)(DG)(DG)(DG)(DT)(DG)(DA)(DT)(DG)(DC)(DC)(DC)(DG)(DA)(DT)(DC)(DC)(DC)
(DC)(DT)(DG)(DG)(DA)(DG)(DA)(DA)(DT)(DC)(DC)(DC)(DG)(DG)(DT)(DG)(DC)(DC)(DG)(DA)
(DG)(DG)(DC)(DC)(DG)(DC)(DT)(DC)(DA)(DA)(DT)(DT)(DG)(DG)(DT)(DC)(DG)(DT)(DA)(DG)
(DA)(DC)(DA)(DG)(DC)(DT)(DC)(DT)(DA)(DG)(DC)(DA)(DC)(DC)(DG)(DC)(DT)(DT)(DA)(DA)
(DA)(DC)(DG)(DC)(DA)(DC)(DG)(DT)(DA)(DC)(DG)(DC)(DG)(DC)(DT)(DG)(DT)(DC)(DC)(DC)
(DC)(DC)(DG)(DC)(DG)(DT)(DT)(DT)(DT)(DA)(DA)(DC)(DC)(DG)(DC)(DC)(DA)(DA)(DG)(DG)
(DG)(DG)(DA)(DT)(DT)(DA)(DC)(DT)(DC)(DC)(DC)(DT)(DA)(DG)(DT)(DC)(DT)(DC)(DC)(DA)
(DG)(DG)(DC)(DA)(DC)(DG)(DT)(DG)(DT)(DC)(DA)(DG)(DA)(DT)(DA)(DT)(DA)(DT)(DA)(DC)
(DA)(DT)(DC)(DC)(DT)(DG)(DT)(DT)(DC)(DC)(DA)(DG)(DT)(DG)(DC)(DC)(DG)(DG)(DT)(DG)
(DT)(DC)(DG)(DC)(DG)(DA)(DT)
;
A
6 'polydeoxyribonucleotide'
;(DA)(DT)(DC)(DG)(DC)(DG)(DA)(DC)(DA)(DC)(DC)(DG)(DG)(DC)(DA)(DC)(DT)(DG)(DG)(DA)
(DA)(DC)(DA)(DG)(DG)(DA)(DT)(DG)(DT)(DA)(DT)(DA)(DT)(DA)(DT)(DC)(DT)(DG)(DA)(DC)
(DA)(DC)(DG)(DT)(DG)(DC)(DC)(DT)(DG)(DG)(DA)(DG)(DA)(DC)(DT)(DA)(DG)(DG)(DG)(DA)
(DG)(DT)(DA)(DA)(DT)(DC)(DC)(DC)(DC)(DT)(DT)(DG)(DG)(DC)(DG)(DG)(DT)(DT)(DA)(DA)
(DA)(DA)(DC)(DG)(DC)(DG)(DG)(DG)(DG)(DG)(DA)(DC)(DA)(DG)(DC)(DG)(DC)(DG)(DT)(DA)
(DC)(DG)(DT)(DG)(DC)(DG)(DT)(DT)(DT)(DA)(DA)(DG)(DC)(DG)(DG)(DT)(DG)(DC)(DT)(DA)
(DG)(DA)(DG)(DC)(DT)(DG)(DT)(DC)(DT)(DA)(DC)(DG)(DA)(DC)(DC)(DA)(DA)(DT)(DT)(DG)
(DA)(DG)(DC)(DG)(DG)(DC)(DC)(DT)(DC)(DG)(DG)(DC)(DA)(DC)(DC)(DG)(DG)(DG)(DA)(DT)
(DT)(DC)(DT)(DC)(DC)(DA)(DG)(DG)(DG)(DG)(DA)(DT)(DC)(DG)(DG)(DG)(DC)(DA)(DT)(DC)
(DA)(DC)(DC)(DC)(DG)(DA)(DT)
;
K
7 'polypeptide(L)'
;GVTAKKEYVCQLCEKPGSLLLCEGPCCGAFHLACLGLSRRPEGRFTCSECASGIHSCFVCKESKTDVKRCVVTQCGKFYH
EACVKKYPLTVFESRGFRCPLHSCVSCHASNPSNPRPSKGKMMRCVRCPVAYHSGDACLAAGCSVIASNSIICTAHFTAR
KGKRHHAHVNVSWCFVCSKGGSLLCCESCPAAFHPDCLNIEMPDGSWFCNDCRAGKKLHFQDIIWVKLGNYRWWPAEVCH
PKNVPPNIQKMKHEIGEFPVFFFGSKDYYWTHQARVFPYMEGDRGSRYQGVRGIGRVFKNALQEAEARFREIKLQREARE
TQESERKPPPYKHIKVNKPYGKVQIYTADISEIPKCNCKPTDENPCGFDSECLNRMLMFECHPQVCPAGEFCQNQCFTKR
QYPETKIIKTDGKGWGLVAKRDIRKGEFVNEYVGELIDKEECMARIKHAHENDITHFYMLTIDKDRIIDAGPKGNYSRFM
NHSCQPNCEALKWTVNGDTRVGLFAVCDIPAGTELTFNYNLDCLGNEKTVCRCGASNCSGFLGDRPKTSTTLSSEEKGKK
TKKKTRRRRAKGEGKRQSEDECFRCGDGGQLVLCDRKFCTKAYHLSCLGLGKRPFGKWECPWHHCDVCGKPSTSFCHLCP
NSFCKEHQDGTAFSCTPDGRSYCCEHDLGAASVRSTKTEKPPPEPGKPKGKRRRRRGWRRVTEGK
;
I
#
loop_
_chem_comp.id
_chem_comp.type
_chem_comp.name
_chem_comp.formula
DA DNA linking 2'-DEOXYADENOSINE-5'-MONOPHOSPHATE 'C10 H14 N5 O6 P'
DC DNA linking 2'-DEOXYCYTIDINE-5'-MONOPHOSPHATE 'C9 H14 N3 O7 P'
DG DNA linking 2'-DEOXYGUANOSINE-5'-MONOPHOSPHATE 'C10 H14 N5 O7 P'
DT DNA linking THYMIDINE-5'-MONOPHOSPHATE 'C10 H15 N2 O8 P'
SAM non-polymer S-ADENOSYLMETHIONINE 'C15 H22 N6 O5 S'
ZN non-polymer 'ZINC ION' 'Zn 2'
#
# COMPACT_ATOMS: atom_id res chain seq x y z
N THR A 32 -55.12 -17.50 12.38
CA THR A 32 -56.40 -17.10 11.83
C THR A 32 -56.24 -15.85 11.00
N GLY A 33 -56.03 -14.71 11.66
CA GLY A 33 -55.65 -13.48 10.99
C GLY A 33 -54.14 -13.39 10.94
N GLY A 34 -53.58 -13.79 9.81
CA GLY A 34 -52.14 -13.88 9.65
C GLY A 34 -51.54 -12.68 8.96
N VAL A 35 -50.26 -12.82 8.62
CA VAL A 35 -49.53 -11.78 7.90
C VAL A 35 -48.69 -12.41 6.79
N NLE A 36 -48.65 -11.77 5.63
CA NLE A 36 -47.84 -12.24 4.52
C NLE A 36 -46.40 -11.72 4.64
O NLE A 36 -46.13 -10.79 5.39
CB NLE A 36 -48.43 -11.81 3.18
CG NLE A 36 -49.90 -12.14 3.01
CD NLE A 36 -50.31 -11.98 1.56
CE NLE A 36 -51.78 -12.32 1.36
N LYS A 37 -45.49 -12.34 3.89
CA LYS A 37 -44.10 -11.90 3.89
C LYS A 37 -43.49 -12.04 2.50
N PRO A 38 -42.77 -11.02 2.06
CA PRO A 38 -42.11 -11.10 0.75
C PRO A 38 -40.86 -11.96 0.83
N HIS A 39 -40.22 -12.13 -0.33
CA HIS A 39 -39.00 -12.91 -0.38
C HIS A 39 -37.87 -12.24 0.38
N ARG A 40 -36.80 -12.99 0.59
CA ARG A 40 -35.55 -12.46 1.10
C ARG A 40 -34.58 -12.26 -0.06
N TYR A 41 -33.43 -11.68 0.24
CA TYR A 41 -32.44 -11.43 -0.79
C TYR A 41 -31.61 -12.69 -1.05
N ARG A 42 -31.45 -13.01 -2.33
CA ARG A 42 -30.58 -14.11 -2.69
C ARG A 42 -29.16 -13.83 -2.18
N PRO A 43 -28.52 -14.80 -1.54
CA PRO A 43 -27.21 -14.53 -0.91
C PRO A 43 -26.24 -13.87 -1.87
N GLY A 44 -25.74 -12.71 -1.47
CA GLY A 44 -24.84 -11.94 -2.30
C GLY A 44 -25.40 -10.63 -2.81
N THR A 45 -26.25 -9.94 -2.06
CA THR A 45 -26.65 -8.59 -2.44
C THR A 45 -26.47 -7.60 -1.31
N VAL A 46 -26.77 -8.00 -0.06
CA VAL A 46 -26.44 -7.17 1.08
C VAL A 46 -24.94 -7.13 1.31
N ALA A 47 -24.17 -7.91 0.55
CA ALA A 47 -22.72 -7.88 0.59
C ALA A 47 -22.12 -7.14 -0.58
N LEU A 48 -22.89 -6.92 -1.64
CA LEU A 48 -22.46 -6.01 -2.70
C LEU A 48 -22.95 -4.59 -2.47
N ARG A 49 -23.91 -4.39 -1.57
CA ARG A 49 -24.26 -3.03 -1.19
C ARG A 49 -23.23 -2.44 -0.24
N GLU A 50 -22.80 -3.21 0.76
CA GLU A 50 -21.85 -2.70 1.74
C GLU A 50 -20.55 -2.25 1.10
N ILE A 51 -20.09 -2.95 0.07
CA ILE A 51 -18.88 -2.51 -0.61
C ILE A 51 -19.07 -1.13 -1.20
N ARG A 52 -20.04 -0.97 -2.10
CA ARG A 52 -20.30 0.33 -2.70
C ARG A 52 -20.60 1.41 -1.68
N ARG A 53 -21.01 1.04 -0.47
CA ARG A 53 -21.28 2.07 0.53
C ARG A 53 -20.02 2.47 1.28
N TYR A 54 -19.12 1.52 1.55
CA TYR A 54 -17.96 1.82 2.37
C TYR A 54 -16.79 2.38 1.59
N GLN A 55 -16.69 2.09 0.29
CA GLN A 55 -15.61 2.64 -0.52
C GLN A 55 -15.85 4.08 -0.92
N LYS A 56 -16.78 4.76 -0.26
CA LYS A 56 -17.11 6.13 -0.58
C LYS A 56 -17.11 7.07 0.62
N SER A 57 -17.23 6.57 1.84
CA SER A 57 -17.14 7.42 3.01
C SER A 57 -15.72 7.43 3.54
N THR A 58 -15.49 8.19 4.61
CA THR A 58 -14.15 8.38 5.16
C THR A 58 -14.07 8.27 6.68
N GLU A 59 -15.11 7.79 7.34
CA GLU A 59 -15.11 7.73 8.80
C GLU A 59 -14.12 6.67 9.29
N LEU A 60 -14.08 6.49 10.61
CA LEU A 60 -13.26 5.45 11.21
C LEU A 60 -14.12 4.25 11.57
N LEU A 61 -13.50 3.07 11.59
CA LEU A 61 -14.24 1.81 11.61
C LEU A 61 -13.96 0.95 12.83
N ILE A 62 -13.31 1.48 13.85
CA ILE A 62 -13.11 0.74 15.08
C ILE A 62 -13.49 1.61 16.27
N ARG A 63 -14.02 0.98 17.30
CA ARG A 63 -14.52 1.69 18.46
C ARG A 63 -13.37 2.32 19.25
N LYS A 64 -13.50 3.63 19.47
CA LYS A 64 -12.37 4.44 19.90
C LYS A 64 -11.87 4.07 21.29
N LEU A 65 -12.77 3.87 22.25
CA LEU A 65 -12.31 3.49 23.59
C LEU A 65 -11.73 2.08 23.62
N PRO A 66 -12.35 1.07 22.99
CA PRO A 66 -11.70 -0.24 22.96
C PRO A 66 -10.34 -0.21 22.29
N PHE A 67 -10.15 0.64 21.29
CA PHE A 67 -8.82 0.73 20.70
C PHE A 67 -7.86 1.49 21.60
N GLN A 68 -8.34 2.49 22.32
CA GLN A 68 -7.47 3.28 23.19
C GLN A 68 -7.03 2.50 24.42
N ARG A 69 -7.76 1.46 24.80
CA ARG A 69 -7.29 0.67 25.94
C ARG A 69 -6.20 -0.34 25.56
N LEU A 70 -6.23 -0.83 24.32
CA LEU A 70 -5.22 -1.79 23.89
C LEU A 70 -3.84 -1.15 23.80
N VAL A 71 -3.79 0.11 23.33
CA VAL A 71 -2.52 0.81 23.25
C VAL A 71 -1.89 0.98 24.63
N ARG A 72 -2.70 1.28 25.65
CA ARG A 72 -2.14 1.41 26.99
C ARG A 72 -1.86 0.07 27.64
N GLU A 73 -2.52 -1.01 27.21
CA GLU A 73 -2.17 -2.31 27.73
C GLU A 73 -0.87 -2.86 27.16
N ILE A 74 -0.58 -2.60 25.88
CA ILE A 74 0.66 -3.08 25.29
C ILE A 74 1.87 -2.38 25.90
N ALA A 75 1.78 -1.07 26.10
CA ALA A 75 2.94 -0.27 26.44
C ALA A 75 3.26 -0.26 27.93
N GLN A 76 2.85 -1.27 28.68
CA GLN A 76 3.32 -1.44 30.05
C GLN A 76 4.46 -2.44 30.15
N ASP A 77 5.06 -2.81 29.03
CA ASP A 77 6.17 -3.75 29.01
C ASP A 77 7.50 -3.08 28.71
N PHE A 78 7.49 -1.83 28.28
CA PHE A 78 8.71 -1.13 27.92
C PHE A 78 9.11 -0.08 28.95
N LYS A 79 8.14 0.63 29.52
CA LYS A 79 8.42 1.61 30.57
C LYS A 79 7.12 1.91 31.28
N THR A 80 7.11 1.82 32.59
CA THR A 80 5.89 1.94 33.37
C THR A 80 5.52 3.39 33.60
N ASP A 81 4.22 3.62 33.78
CA ASP A 81 3.68 4.91 34.22
C ASP A 81 4.06 6.03 33.25
N LEU A 82 3.51 5.94 32.05
CA LEU A 82 3.68 6.98 31.05
C LEU A 82 2.33 7.37 30.49
N ARG A 83 2.19 8.66 30.16
CA ARG A 83 0.94 9.24 29.72
C ARG A 83 0.97 9.49 28.21
N PHE A 84 -0.19 9.78 27.65
CA PHE A 84 -0.32 9.95 26.21
C PHE A 84 -0.93 11.31 25.91
N GLN A 85 -0.94 11.65 24.64
CA GLN A 85 -1.54 12.90 24.17
C GLN A 85 -2.75 12.61 23.30
N SER A 86 -3.85 13.30 23.60
CA SER A 86 -5.12 13.06 22.92
C SER A 86 -4.97 13.02 21.41
N SER A 87 -4.07 13.82 20.86
CA SER A 87 -3.80 13.79 19.42
C SER A 87 -2.66 12.86 19.07
N ALA A 88 -2.09 12.15 20.04
CA ALA A 88 -1.11 11.12 19.77
C ALA A 88 -1.72 9.73 19.72
N VAL A 89 -2.75 9.50 20.52
CA VAL A 89 -3.44 8.21 20.55
C VAL A 89 -4.29 8.03 19.30
N NLE A 90 -4.44 9.10 18.53
CA NLE A 90 -5.23 9.07 17.31
C NLE A 90 -4.34 9.12 16.11
O NLE A 90 -4.83 9.31 14.99
CB NLE A 90 -6.15 10.27 17.27
CG NLE A 90 -7.58 9.84 16.97
CD NLE A 90 -8.31 9.45 18.24
CE NLE A 90 -8.70 10.68 19.04
N ALA A 91 -3.03 8.96 16.31
CA ALA A 91 -2.08 8.99 15.21
C ALA A 91 -1.77 7.58 14.75
N LEU A 92 -1.95 6.62 15.65
CA LEU A 92 -1.71 5.22 15.34
C LEU A 92 -2.89 4.59 14.63
N GLN A 93 -4.10 5.07 14.94
CA GLN A 93 -5.31 4.52 14.34
C GLN A 93 -5.44 4.92 12.88
N GLU A 94 -4.81 6.01 12.45
CA GLU A 94 -4.86 6.36 11.05
C GLU A 94 -3.81 5.63 10.23
N ALA A 95 -3.02 4.76 10.86
CA ALA A 95 -2.06 3.95 10.13
C ALA A 95 -2.36 2.47 10.22
N SER A 96 -2.78 1.98 11.38
CA SER A 96 -3.11 0.56 11.50
C SER A 96 -4.17 0.16 10.47
N GLU A 97 -5.13 1.04 10.23
CA GLU A 97 -6.22 0.69 9.32
C GLU A 97 -5.82 0.84 7.87
N ALA A 98 -5.02 1.85 7.55
CA ALA A 98 -4.49 1.93 6.19
C ALA A 98 -3.50 0.81 5.91
N TYR A 99 -3.07 0.10 6.94
CA TYR A 99 -2.27 -1.11 6.75
C TYR A 99 -3.16 -2.32 6.50
N LEU A 100 -4.14 -2.54 7.37
CA LEU A 100 -5.01 -3.71 7.22
C LEU A 100 -5.80 -3.65 5.91
N VAL A 101 -6.21 -2.46 5.49
CA VAL A 101 -7.00 -2.36 4.26
C VAL A 101 -6.15 -2.66 3.04
N GLY A 102 -4.87 -2.31 3.07
CA GLY A 102 -3.99 -2.64 1.97
C GLY A 102 -3.55 -4.10 1.99
N LEU A 103 -3.64 -4.77 3.13
CA LEU A 103 -3.36 -6.20 3.16
C LEU A 103 -4.55 -7.02 2.67
N PHE A 104 -5.76 -6.61 3.04
CA PHE A 104 -6.96 -7.30 2.57
C PHE A 104 -7.23 -7.08 1.09
N GLU A 105 -6.39 -6.30 0.41
CA GLU A 105 -6.50 -6.17 -1.02
C GLU A 105 -5.55 -7.11 -1.76
N ASP A 106 -4.48 -7.55 -1.11
CA ASP A 106 -3.59 -8.51 -1.74
C ASP A 106 -3.93 -9.93 -1.34
N THR A 107 -4.67 -10.12 -0.24
CA THR A 107 -5.23 -11.46 0.01
C THR A 107 -6.21 -11.87 -1.09
N ASN A 108 -6.97 -10.90 -1.59
CA ASN A 108 -8.03 -11.20 -2.54
C ASN A 108 -7.47 -11.68 -3.88
N LEU A 109 -6.35 -11.12 -4.31
CA LEU A 109 -5.77 -11.54 -5.59
C LEU A 109 -5.34 -13.00 -5.55
N CYS A 110 -4.77 -13.45 -4.44
CA CYS A 110 -4.42 -14.87 -4.31
C CYS A 110 -5.68 -15.73 -4.26
N GLY A 111 -6.64 -15.34 -3.43
CA GLY A 111 -7.88 -16.13 -3.32
C GLY A 111 -8.55 -16.28 -4.68
N ILE A 112 -8.40 -15.29 -5.56
CA ILE A 112 -8.93 -15.46 -6.91
C ILE A 112 -8.00 -16.29 -7.77
N HIS A 113 -6.68 -16.18 -7.55
CA HIS A 113 -5.73 -16.99 -8.32
C HIS A 113 -6.03 -18.47 -8.18
N ALA A 114 -6.38 -18.91 -6.97
CA ALA A 114 -6.64 -20.34 -6.78
C ALA A 114 -8.01 -20.77 -7.30
N LYS A 115 -8.69 -19.94 -8.09
CA LYS A 115 -10.02 -20.21 -8.63
C LYS A 115 -11.06 -20.40 -7.51
N ARG A 116 -11.21 -19.37 -6.69
CA ARG A 116 -12.12 -19.41 -5.57
C ARG A 116 -12.76 -18.04 -5.42
N VAL A 117 -13.58 -17.88 -4.38
CA VAL A 117 -14.17 -16.59 -4.06
C VAL A 117 -13.93 -16.28 -2.59
N THR A 118 -13.76 -17.32 -1.78
CA THR A 118 -13.57 -17.18 -0.35
C THR A 118 -12.10 -16.92 -0.05
N ILE A 119 -11.81 -16.28 1.08
CA ILE A 119 -10.43 -16.02 1.48
C ILE A 119 -10.08 -16.82 2.73
N NLE A 120 -9.19 -17.80 2.59
CA NLE A 120 -8.79 -18.64 3.71
C NLE A 120 -7.49 -18.19 4.30
O NLE A 120 -6.70 -17.51 3.60
CB NLE A 120 -8.65 -20.09 3.24
CG NLE A 120 -10.02 -20.77 3.22
CD NLE A 120 -10.06 -21.86 2.17
CE NLE A 120 -11.49 -22.17 1.76
N PRO A 121 -7.22 -18.56 5.56
CA PRO A 121 -6.02 -18.20 6.32
C PRO A 121 -4.72 -18.53 5.60
N LYS A 122 -4.72 -19.54 4.74
CA LYS A 122 -3.50 -19.92 4.02
C LYS A 122 -3.23 -19.02 2.83
N ASP A 123 -3.85 -17.84 2.77
CA ASP A 123 -3.53 -16.83 1.76
C ASP A 123 -2.78 -15.65 2.36
N ILE A 124 -3.21 -15.18 3.53
CA ILE A 124 -2.51 -14.11 4.23
C ILE A 124 -1.04 -14.46 4.38
N GLN A 125 -0.74 -15.71 4.73
CA GLN A 125 0.65 -16.11 4.92
C GLN A 125 1.44 -16.04 3.62
N LEU A 126 0.85 -16.46 2.50
CA LEU A 126 1.54 -16.34 1.23
C LEU A 126 1.79 -14.89 0.87
N ALA A 127 0.78 -14.04 1.07
CA ALA A 127 0.96 -12.62 0.77
C ALA A 127 2.12 -12.04 1.56
N ARG A 128 2.12 -12.28 2.88
CA ARG A 128 3.16 -11.70 3.72
C ARG A 128 4.53 -12.28 3.42
N ARG A 129 4.57 -13.56 3.05
CA ARG A 129 5.80 -14.25 2.73
C ARG A 129 6.43 -13.65 1.48
N ILE A 130 5.65 -13.51 0.42
CA ILE A 130 6.17 -12.90 -0.81
C ILE A 130 6.60 -11.47 -0.54
N ARG A 131 5.78 -10.72 0.21
CA ARG A 131 6.07 -9.31 0.44
C ARG A 131 7.36 -9.11 1.21
N GLY A 132 7.60 -9.91 2.26
CA GLY A 132 8.88 -9.84 2.91
C GLY A 132 8.90 -9.76 4.42
N GLU A 133 7.74 -9.94 5.06
CA GLU A 133 7.66 -9.80 6.51
C GLU A 133 8.09 -11.04 7.27
N ARG A 134 7.74 -12.23 6.80
CA ARG A 134 8.05 -13.46 7.53
C ARG A 134 9.04 -14.33 6.76
N LYS B 20 -3.89 0.50 38.34
CA LYS B 20 -4.78 -0.47 37.73
C LYS B 20 -4.06 -1.33 36.70
N VAL B 21 -4.34 -2.63 36.70
CA VAL B 21 -3.75 -3.55 35.76
C VAL B 21 -4.78 -3.88 34.68
N LEU B 22 -4.31 -4.43 33.57
CA LEU B 22 -5.15 -4.70 32.42
C LEU B 22 -4.87 -6.09 31.86
N ARG B 23 -5.77 -6.56 31.01
CA ARG B 23 -5.67 -7.87 30.36
C ARG B 23 -6.82 -7.99 29.36
N ASP B 24 -6.73 -9.01 28.50
CA ASP B 24 -7.83 -9.51 27.68
C ASP B 24 -8.29 -8.52 26.61
N ASN B 25 -7.71 -7.33 26.56
CA ASN B 25 -8.29 -6.26 25.77
C ASN B 25 -8.12 -6.43 24.27
N ILE B 26 -7.44 -7.49 23.82
CA ILE B 26 -7.40 -7.75 22.39
C ILE B 26 -8.77 -8.16 21.85
N GLN B 27 -9.68 -8.59 22.72
CA GLN B 27 -11.02 -8.96 22.33
C GLN B 27 -11.92 -7.75 22.11
N GLY B 28 -11.33 -6.56 22.01
CA GLY B 28 -12.07 -5.36 21.66
C GLY B 28 -12.18 -5.11 20.18
N ILE B 29 -11.34 -5.75 19.38
CA ILE B 29 -11.50 -5.74 17.93
C ILE B 29 -12.52 -6.84 17.63
N THR B 30 -13.79 -6.45 17.59
CA THR B 30 -14.89 -7.40 17.49
C THR B 30 -14.95 -8.00 16.08
N LYS B 31 -15.97 -8.80 15.83
CA LYS B 31 -16.12 -9.49 14.56
C LYS B 31 -16.58 -8.54 13.45
N PRO B 32 -17.66 -7.77 13.63
CA PRO B 32 -18.05 -6.85 12.56
C PRO B 32 -17.02 -5.77 12.31
N ALA B 33 -16.22 -5.42 13.32
CA ALA B 33 -15.15 -4.47 13.09
C ALA B 33 -14.12 -4.97 12.10
N ILE B 34 -13.96 -6.29 11.98
CA ILE B 34 -13.10 -6.82 10.93
C ILE B 34 -13.87 -6.98 9.63
N ARG B 35 -15.16 -7.29 9.73
CA ARG B 35 -15.94 -7.42 8.50
C ARG B 35 -15.99 -6.09 7.73
N ARG B 36 -16.03 -4.97 8.44
CA ARG B 36 -16.10 -3.68 7.76
C ARG B 36 -14.80 -3.36 7.04
N LEU B 37 -13.66 -3.57 7.71
CA LEU B 37 -12.38 -3.39 7.05
C LEU B 37 -12.23 -4.33 5.87
N ALA B 38 -12.82 -5.52 5.94
CA ALA B 38 -12.80 -6.42 4.80
C ALA B 38 -13.60 -5.85 3.63
N ARG B 39 -14.83 -5.42 3.88
CA ARG B 39 -15.66 -4.89 2.81
C ARG B 39 -15.04 -3.67 2.17
N ARG B 40 -14.39 -2.80 2.96
CA ARG B 40 -13.68 -1.69 2.34
C ARG B 40 -12.53 -2.18 1.49
N GLY B 41 -12.03 -3.38 1.73
CA GLY B 41 -10.98 -3.92 0.90
C GLY B 41 -11.52 -4.42 -0.42
N GLY B 42 -12.64 -5.15 -0.36
CA GLY B 42 -13.24 -5.64 -1.58
C GLY B 42 -13.46 -7.13 -1.64
N VAL B 43 -13.59 -7.77 -0.49
CA VAL B 43 -13.77 -9.22 -0.42
C VAL B 43 -15.25 -9.52 -0.20
N LYS B 44 -15.72 -10.57 -0.85
CA LYS B 44 -17.15 -10.90 -0.90
C LYS B 44 -17.59 -11.93 0.12
N ARG B 45 -16.85 -13.02 0.29
CA ARG B 45 -17.14 -14.02 1.31
C ARG B 45 -15.94 -14.14 2.24
N ILE B 46 -16.18 -14.61 3.46
CA ILE B 46 -15.16 -14.61 4.49
C ILE B 46 -15.25 -15.91 5.28
N SER B 47 -14.13 -16.61 5.41
CA SER B 47 -14.11 -17.87 6.13
C SER B 47 -14.29 -17.66 7.63
N GLY B 48 -14.20 -18.73 8.41
CA GLY B 48 -14.46 -18.66 9.83
C GLY B 48 -13.24 -18.61 10.72
N LEU B 49 -12.04 -18.57 10.16
CA LEU B 49 -10.82 -18.56 10.96
C LEU B 49 -9.98 -17.31 10.73
N ILE B 50 -10.43 -16.38 9.90
CA ILE B 50 -9.72 -15.12 9.73
C ILE B 50 -9.79 -14.29 11.01
N TYR B 51 -10.81 -14.51 11.82
CA TYR B 51 -11.02 -13.66 12.99
C TYR B 51 -10.02 -13.99 14.09
N GLU B 52 -9.32 -15.12 13.97
CA GLU B 52 -8.27 -15.43 14.92
C GLU B 52 -6.88 -15.25 14.31
N GLU B 53 -6.80 -14.99 13.01
CA GLU B 53 -5.53 -14.71 12.37
C GLU B 53 -5.23 -13.22 12.26
N THR B 54 -6.27 -12.40 12.11
CA THR B 54 -6.03 -10.96 11.98
C THR B 54 -5.62 -10.31 13.31
N ARG B 55 -6.15 -10.81 14.43
CA ARG B 55 -5.71 -10.27 15.71
C ARG B 55 -4.32 -10.75 16.09
N GLY B 56 -3.66 -11.51 15.24
CA GLY B 56 -2.29 -11.87 15.47
C GLY B 56 -1.37 -11.09 14.56
N VAL B 57 -1.94 -10.60 13.46
CA VAL B 57 -1.20 -9.72 12.56
C VAL B 57 -1.21 -8.30 13.09
N LEU B 58 -2.28 -7.91 13.78
CA LEU B 58 -2.38 -6.55 14.29
C LEU B 58 -1.57 -6.33 15.57
N LYS B 59 -1.30 -7.39 16.34
CA LYS B 59 -0.68 -7.21 17.64
C LYS B 59 0.83 -7.10 17.59
N VAL B 60 1.47 -7.36 16.44
CA VAL B 60 2.91 -7.16 16.33
C VAL B 60 3.25 -5.92 15.53
N PHE B 61 2.40 -5.49 14.61
CA PHE B 61 2.65 -4.22 13.95
C PHE B 61 2.64 -3.08 14.95
N LEU B 62 1.96 -3.26 16.08
CA LEU B 62 1.87 -2.17 17.04
C LEU B 62 3.09 -2.10 17.93
N GLU B 63 3.74 -3.23 18.20
CA GLU B 63 4.90 -3.21 19.08
C GLU B 63 6.11 -2.60 18.38
N ASN B 64 6.34 -2.93 17.12
CA ASN B 64 7.48 -2.39 16.39
C ASN B 64 7.36 -0.88 16.20
N VAL B 65 6.25 -0.28 16.62
CA VAL B 65 6.10 1.17 16.55
C VAL B 65 6.08 1.79 17.94
N ILE B 66 5.40 1.16 18.90
CA ILE B 66 5.37 1.73 20.23
C ILE B 66 6.74 1.63 20.89
N ARG B 67 7.56 0.65 20.52
CA ARG B 67 8.89 0.58 21.09
C ARG B 67 9.74 1.79 20.68
N ASP B 68 9.66 2.17 19.41
CA ASP B 68 10.46 3.30 18.96
C ASP B 68 9.89 4.63 19.43
N ALA B 69 8.57 4.73 19.53
CA ALA B 69 8.00 5.93 20.14
C ALA B 69 8.50 6.09 21.57
N VAL B 70 8.45 5.01 22.36
CA VAL B 70 8.93 5.09 23.73
C VAL B 70 10.42 5.40 23.77
N THR B 71 11.20 4.93 22.78
CA THR B 71 12.62 5.25 22.79
C THR B 71 12.87 6.73 22.55
N TYR B 72 12.26 7.29 21.51
CA TYR B 72 12.42 8.71 21.26
C TYR B 72 12.00 9.54 22.45
N THR B 73 10.94 9.14 23.15
CA THR B 73 10.51 9.90 24.32
C THR B 73 11.48 9.75 25.47
N GLU B 74 11.97 8.53 25.71
CA GLU B 74 12.97 8.27 26.73
C GLU B 74 14.24 9.08 26.52
N HIS B 75 14.55 9.43 25.27
CA HIS B 75 15.81 10.14 25.02
C HIS B 75 15.77 11.57 25.52
N ALA B 76 14.63 12.26 25.40
CA ALA B 76 14.54 13.66 25.76
C ALA B 76 14.11 13.89 27.20
N LYS B 77 14.10 12.84 28.02
CA LYS B 77 13.88 12.91 29.46
C LYS B 77 12.46 13.34 29.82
N ARG B 78 11.51 13.16 28.90
CA ARG B 78 10.12 13.48 29.19
C ARG B 78 9.43 12.31 29.87
N LYS B 79 8.11 12.44 30.03
CA LYS B 79 7.28 11.36 30.53
C LYS B 79 5.96 11.25 29.79
N THR B 80 5.88 11.71 28.54
CA THR B 80 4.63 11.77 27.80
C THR B 80 4.89 11.57 26.32
N VAL B 81 4.21 10.60 25.73
CA VAL B 81 4.39 10.27 24.32
C VAL B 81 3.67 11.32 23.48
N THR B 82 4.43 12.27 22.95
CA THR B 82 3.82 13.36 22.19
C THR B 82 3.46 12.86 20.80
N ALA B 83 3.04 13.76 19.92
CA ALA B 83 2.52 13.36 18.63
C ALA B 83 3.53 13.51 17.51
N MET B 84 4.77 13.87 17.81
CA MET B 84 5.81 13.82 16.81
C MET B 84 6.64 12.55 16.91
N ASP B 85 6.70 11.94 18.09
CA ASP B 85 7.43 10.70 18.23
C ASP B 85 6.83 9.61 17.36
N VAL B 86 5.50 9.57 17.26
CA VAL B 86 4.86 8.55 16.44
C VAL B 86 5.16 8.79 14.97
N VAL B 87 5.13 10.05 14.54
CA VAL B 87 5.43 10.37 13.15
C VAL B 87 6.85 9.96 12.80
N TYR B 88 7.80 10.18 13.71
CA TYR B 88 9.18 9.81 13.43
C TYR B 88 9.35 8.30 13.44
N ALA B 89 8.73 7.60 14.40
CA ALA B 89 8.81 6.15 14.43
C ALA B 89 8.22 5.52 13.19
N LEU B 90 7.18 6.11 12.61
CA LEU B 90 6.63 5.58 11.37
C LEU B 90 7.44 6.00 10.16
N LYS B 91 8.17 7.13 10.26
CA LYS B 91 8.99 7.56 9.15
C LYS B 91 10.26 6.72 9.03
N ARG B 92 10.67 6.09 10.13
CA ARG B 92 11.86 5.26 10.10
C ARG B 92 11.69 4.02 9.22
N GLN B 93 10.47 3.54 9.01
CA GLN B 93 10.24 2.26 8.33
C GLN B 93 9.55 2.41 6.99
N GLY B 94 9.59 3.59 6.39
CA GLY B 94 8.95 3.77 5.11
C GLY B 94 7.45 3.65 5.18
N ARG B 95 6.84 4.31 6.16
CA ARG B 95 5.39 4.39 6.27
C ARG B 95 4.98 5.83 6.55
N THR B 96 5.52 6.75 5.74
CA THR B 96 5.36 8.18 5.95
C THR B 96 3.90 8.55 6.21
N LEU B 97 3.68 9.57 7.03
CA LEU B 97 2.34 10.03 7.37
C LEU B 97 2.25 11.51 7.11
N TYR B 98 1.24 11.93 6.34
CA TYR B 98 1.02 13.33 6.01
C TYR B 98 -0.17 13.89 6.78
N GLY B 99 0.05 14.97 7.51
CA GLY B 99 -1.04 15.69 8.12
C GLY B 99 -1.10 15.68 9.62
N PHE B 100 0.02 15.59 10.32
CA PHE B 100 0.03 15.69 11.76
C PHE B 100 1.16 16.55 12.28
N GLY B 101 2.11 16.93 11.43
CA GLY B 101 3.23 17.75 11.84
C GLY B 101 4.15 18.12 10.69
N THR C 10 57.97 17.36 22.11
CA THR C 10 57.17 16.85 23.22
C THR C 10 58.08 16.41 24.38
N ARG C 11 57.50 16.35 25.57
CA ARG C 11 58.24 15.96 26.77
C ARG C 11 58.30 14.44 26.92
N ALA C 12 57.15 13.82 27.10
CA ALA C 12 57.06 12.38 27.26
C ALA C 12 56.91 11.70 25.90
N LYS C 13 56.58 10.41 25.94
CA LYS C 13 56.47 9.61 24.73
C LYS C 13 55.00 9.41 24.37
N ALA C 14 54.74 9.21 23.08
CA ALA C 14 53.37 9.10 22.59
C ALA C 14 52.72 7.83 23.11
N LYS C 15 51.67 7.98 23.91
CA LYS C 15 50.87 6.86 24.40
C LYS C 15 49.55 6.88 23.67
N THR C 16 49.49 6.18 22.53
CA THR C 16 48.38 6.29 21.59
C THR C 16 47.05 6.06 22.28
N ARG C 17 46.00 6.68 21.73
CA ARG C 17 44.70 6.68 22.38
C ARG C 17 44.00 5.33 22.32
N SER C 18 44.17 4.58 21.24
CA SER C 18 43.54 3.28 21.13
C SER C 18 44.14 2.25 22.08
N SER C 19 45.18 2.60 22.82
CA SER C 19 45.75 1.70 23.81
C SER C 19 45.34 2.09 25.22
N ARG C 20 44.89 3.32 25.44
CA ARG C 20 44.32 3.66 26.73
C ARG C 20 43.05 2.88 27.00
N ALA C 21 42.18 2.76 26.00
CA ALA C 21 40.92 2.05 26.15
C ALA C 21 41.05 0.54 26.01
N GLY C 22 42.04 0.05 25.28
CA GLY C 22 42.22 -1.37 25.08
C GLY C 22 41.42 -1.88 23.91
N LEU C 23 41.51 -1.18 22.79
CA LEU C 23 40.78 -1.50 21.57
C LEU C 23 41.75 -1.97 20.51
N GLN C 24 41.22 -2.18 19.30
CA GLN C 24 42.05 -2.48 18.14
C GLN C 24 41.84 -1.52 16.99
N PHE C 25 40.68 -0.88 16.88
CA PHE C 25 40.39 0.00 15.77
C PHE C 25 40.93 1.41 16.04
N PRO C 26 41.16 2.20 14.99
CA PRO C 26 41.86 3.47 15.16
C PRO C 26 40.95 4.59 15.67
N VAL C 27 41.13 4.95 16.93
CA VAL C 27 40.38 6.08 17.47
C VAL C 27 40.84 7.37 16.85
N GLY C 28 42.13 7.50 16.57
CA GLY C 28 42.63 8.70 15.91
C GLY C 28 42.09 8.91 14.52
N ARG C 29 41.59 7.87 13.88
CA ARG C 29 41.04 7.99 12.54
C ARG C 29 39.53 8.14 12.54
N VAL C 30 38.84 7.43 13.43
CA VAL C 30 37.39 7.54 13.47
C VAL C 30 36.96 8.96 13.84
N HIS C 31 37.72 9.62 14.71
CA HIS C 31 37.39 10.99 15.08
C HIS C 31 37.46 11.91 13.89
N ARG C 32 38.58 11.92 13.19
CA ARG C 32 38.71 12.78 12.02
C ARG C 32 37.63 12.47 10.98
N LEU C 33 37.31 11.19 10.80
CA LEU C 33 36.25 10.87 9.84
C LEU C 33 34.91 11.48 10.26
N LEU C 34 34.55 11.38 11.53
CA LEU C 34 33.34 12.06 11.99
C LEU C 34 33.42 13.56 11.71
N ARG C 35 34.61 14.15 11.87
CA ARG C 35 34.70 15.60 11.80
C ARG C 35 34.61 16.14 10.38
N LYS C 36 35.35 15.58 9.44
CA LYS C 36 35.45 16.11 8.10
C LYS C 36 34.42 15.52 7.15
N GLY C 37 33.27 15.11 7.68
CA GLY C 37 32.25 14.49 6.85
C GLY C 37 30.92 15.21 6.92
N ASN C 38 30.85 16.25 7.74
CA ASN C 38 29.67 17.10 7.87
C ASN C 38 28.46 16.31 8.37
N TYR C 39 28.60 15.75 9.58
CA TYR C 39 27.49 15.15 10.28
C TYR C 39 26.91 16.05 11.35
N ALA C 40 27.72 16.94 11.93
CA ALA C 40 27.25 17.96 12.86
C ALA C 40 28.38 18.97 13.02
N GLU C 41 28.16 19.94 13.90
CA GLU C 41 29.13 21.03 14.03
C GLU C 41 30.21 20.72 15.06
N ARG C 42 29.82 20.44 16.30
CA ARG C 42 30.77 20.17 17.37
C ARG C 42 30.68 18.72 17.80
N VAL C 43 31.79 18.00 17.66
CA VAL C 43 31.85 16.57 17.95
C VAL C 43 32.38 16.41 19.37
N GLY C 44 31.73 15.54 20.15
CA GLY C 44 32.14 15.34 21.52
C GLY C 44 33.46 14.62 21.67
N ALA C 45 33.76 14.14 22.87
CA ALA C 45 35.02 13.45 23.14
C ALA C 45 34.85 12.02 23.61
N GLY C 46 33.61 11.56 23.79
CA GLY C 46 33.37 10.17 24.11
C GLY C 46 32.70 9.46 22.95
N ALA C 47 32.63 10.13 21.80
CA ALA C 47 32.01 9.56 20.61
C ALA C 47 32.90 8.55 19.91
N PRO C 48 34.15 8.89 19.55
CA PRO C 48 34.95 7.91 18.80
C PRO C 48 35.28 6.68 19.61
N VAL C 49 35.59 6.83 20.89
CA VAL C 49 35.82 5.67 21.74
C VAL C 49 34.62 4.74 21.73
N TYR C 50 33.41 5.28 21.84
CA TYR C 50 32.22 4.45 21.85
C TYR C 50 31.95 3.80 20.51
N LEU C 51 32.21 4.51 19.41
CA LEU C 51 31.90 3.94 18.11
C LEU C 51 32.90 2.89 17.65
N ALA C 52 34.19 3.10 17.90
CA ALA C 52 35.18 2.11 17.49
C ALA C 52 34.98 0.78 18.20
N ALA C 53 34.56 0.83 19.47
CA ALA C 53 34.31 -0.41 20.20
C ALA C 53 33.20 -1.23 19.58
N VAL C 54 32.10 -0.60 19.17
CA VAL C 54 31.01 -1.31 18.51
C VAL C 54 31.45 -1.84 17.16
N LEU C 55 32.21 -1.03 16.39
CA LEU C 55 32.72 -1.53 15.13
C LEU C 55 33.61 -2.75 15.32
N GLU C 56 34.34 -2.80 16.42
CA GLU C 56 35.16 -3.97 16.72
C GLU C 56 34.32 -5.18 17.08
N TYR C 57 33.28 -5.01 17.88
CA TYR C 57 32.48 -6.15 18.28
C TYR C 57 31.72 -6.74 17.10
N LEU C 58 31.17 -5.89 16.22
CA LEU C 58 30.36 -6.43 15.14
C LEU C 58 31.17 -7.23 14.13
N THR C 59 32.46 -6.97 13.99
CA THR C 59 33.28 -7.78 13.11
C THR C 59 33.98 -8.92 13.82
N ALA C 60 33.93 -8.95 15.15
CA ALA C 60 34.48 -10.05 15.92
C ALA C 60 33.50 -11.21 16.05
N GLU C 61 32.44 -11.23 15.24
CA GLU C 61 31.49 -12.32 15.25
C GLU C 61 31.23 -12.92 13.88
N ILE C 62 31.17 -12.11 12.82
CA ILE C 62 30.93 -12.67 11.50
C ILE C 62 32.12 -13.47 11.00
N LEU C 63 33.29 -13.33 11.64
CA LEU C 63 34.42 -14.20 11.38
C LEU C 63 34.39 -15.45 12.25
N GLU C 64 33.87 -15.32 13.47
CA GLU C 64 33.81 -16.46 14.37
C GLU C 64 32.86 -17.54 13.86
N LEU C 65 31.98 -17.21 12.91
CA LEU C 65 31.13 -18.22 12.29
C LEU C 65 31.69 -18.69 10.96
N ALA C 66 32.31 -17.80 10.19
CA ALA C 66 32.91 -18.21 8.93
C ALA C 66 34.06 -19.17 9.16
N GLY C 67 34.83 -18.98 10.24
CA GLY C 67 35.83 -19.96 10.59
C GLY C 67 35.25 -21.32 10.89
N ASN C 68 34.17 -21.37 11.66
CA ASN C 68 33.53 -22.64 12.00
C ASN C 68 32.93 -23.29 10.78
N ALA C 69 32.54 -22.49 9.77
CA ALA C 69 32.00 -23.07 8.56
C ALA C 69 33.10 -23.53 7.61
N ALA C 70 34.29 -22.94 7.70
CA ALA C 70 35.38 -23.38 6.85
C ALA C 70 35.90 -24.76 7.25
N ARG C 71 35.91 -25.07 8.55
CA ARG C 71 36.44 -26.34 9.01
C ARG C 71 35.56 -27.53 8.65
N ASP C 72 34.49 -27.31 7.88
CA ASP C 72 33.66 -28.41 7.42
C ASP C 72 33.97 -28.81 5.98
N ASN C 73 34.56 -27.92 5.19
CA ASN C 73 35.19 -28.28 3.94
C ASN C 73 36.61 -28.76 4.13
N LYS C 74 37.09 -28.79 5.37
CA LYS C 74 38.48 -29.12 5.68
C LYS C 74 39.44 -28.26 4.86
N LYS C 75 39.31 -26.96 5.02
CA LYS C 75 40.20 -25.99 4.40
C LYS C 75 40.78 -25.07 5.46
N THR C 76 41.52 -24.06 5.01
CA THR C 76 42.17 -23.11 5.88
C THR C 76 41.90 -21.66 5.52
N ARG C 77 41.68 -21.35 4.25
CA ARG C 77 41.49 -19.98 3.81
C ARG C 77 40.01 -19.68 3.60
N ILE C 78 39.59 -18.52 4.09
CA ILE C 78 38.20 -18.08 4.03
C ILE C 78 37.96 -17.41 2.69
N ILE C 79 36.87 -17.79 2.02
CA ILE C 79 36.53 -17.28 0.70
C ILE C 79 35.09 -16.76 0.75
N PRO C 80 34.60 -16.04 -0.26
CA PRO C 80 33.26 -15.44 -0.15
C PRO C 80 32.14 -16.41 0.21
N ARG C 81 32.11 -17.60 -0.39
CA ARG C 81 31.02 -18.54 -0.15
C ARG C 81 30.82 -18.83 1.33
N HIS C 82 31.91 -18.91 2.09
CA HIS C 82 31.78 -19.17 3.52
C HIS C 82 31.04 -18.04 4.21
N LEU C 83 31.22 -16.80 3.77
CA LEU C 83 30.51 -15.69 4.41
C LEU C 83 29.01 -15.74 4.16
N GLN C 84 28.60 -16.09 2.94
CA GLN C 84 27.17 -16.23 2.66
C GLN C 84 26.57 -17.37 3.46
N LEU C 85 27.26 -18.51 3.53
CA LEU C 85 26.74 -19.63 4.31
C LEU C 85 26.74 -19.32 5.81
N ALA C 86 27.58 -18.39 6.24
CA ALA C 86 27.59 -18.02 7.66
C ALA C 86 26.55 -16.99 8.00
N VAL C 87 26.14 -16.20 7.00
CA VAL C 87 25.15 -15.15 7.24
C VAL C 87 23.70 -15.62 7.06
N ARG C 88 23.42 -16.39 6.01
CA ARG C 88 22.05 -16.83 5.80
C ARG C 88 21.59 -17.89 6.79
N ASN C 89 22.42 -18.29 7.75
CA ASN C 89 22.03 -19.24 8.78
C ASN C 89 21.97 -18.64 10.18
N ASP C 90 21.93 -17.32 10.31
CA ASP C 90 21.79 -16.66 11.60
C ASP C 90 20.61 -15.72 11.57
N GLU C 91 19.71 -15.85 12.54
CA GLU C 91 18.42 -15.19 12.55
C GLU C 91 18.52 -13.70 12.85
N GLU C 92 19.67 -13.22 13.30
CA GLU C 92 19.84 -11.79 13.56
C GLU C 92 20.61 -11.08 12.44
N LEU C 93 21.70 -11.68 11.96
CA LEU C 93 22.37 -11.10 10.81
C LEU C 93 21.52 -11.17 9.57
N ASN C 94 20.65 -12.19 9.44
CA ASN C 94 19.77 -12.22 8.29
C ASN C 94 18.70 -11.14 8.35
N LYS C 95 18.53 -10.50 9.50
CA LYS C 95 17.59 -9.40 9.62
C LYS C 95 18.28 -8.06 9.51
N LEU C 96 19.52 -7.95 9.98
CA LEU C 96 20.27 -6.71 9.81
C LEU C 96 20.74 -6.53 8.37
N LEU C 97 21.22 -7.58 7.73
CA LEU C 97 21.59 -7.54 6.31
C LEU C 97 20.48 -8.10 5.45
N GLY C 98 19.33 -7.45 5.43
CA GLY C 98 18.19 -8.00 4.73
C GLY C 98 18.19 -7.79 3.23
N ARG C 99 18.65 -6.63 2.78
CA ARG C 99 18.52 -6.23 1.39
C ARG C 99 19.88 -6.13 0.69
N VAL C 100 20.87 -6.88 1.15
CA VAL C 100 22.24 -6.77 0.70
C VAL C 100 22.63 -8.03 -0.04
N THR C 101 23.40 -7.87 -1.12
CA THR C 101 23.86 -8.98 -1.94
C THR C 101 25.37 -9.10 -1.84
N ILE C 102 25.87 -10.33 -1.72
CA ILE C 102 27.29 -10.59 -1.58
C ILE C 102 27.77 -11.30 -2.84
N ALA C 103 28.80 -10.74 -3.47
CA ALA C 103 29.29 -11.30 -4.73
C ALA C 103 29.81 -12.71 -4.53
N GLN C 104 29.67 -13.54 -5.57
CA GLN C 104 30.28 -14.87 -5.61
C GLN C 104 29.78 -15.76 -4.48
N GLY C 105 28.49 -15.67 -4.16
CA GLY C 105 28.01 -16.29 -2.95
C GLY C 105 27.05 -17.45 -3.12
N GLY C 106 26.51 -17.63 -4.32
CA GLY C 106 25.54 -18.68 -4.53
C GLY C 106 24.30 -18.51 -3.67
N VAL C 107 23.48 -19.55 -3.63
CA VAL C 107 22.25 -19.55 -2.88
C VAL C 107 22.38 -20.53 -1.72
N LEU C 108 21.38 -20.54 -0.85
CA LEU C 108 21.44 -21.49 0.25
C LEU C 108 20.72 -22.78 -0.11
N PRO C 109 21.38 -23.93 0.00
CA PRO C 109 20.82 -25.19 -0.51
C PRO C 109 19.49 -25.52 0.14
N ASN C 110 18.44 -25.57 -0.67
CA ASN C 110 17.09 -25.84 -0.17
C ASN C 110 16.24 -26.34 -1.32
N ILE C 111 15.33 -27.26 -1.02
CA ILE C 111 14.47 -27.89 -2.02
C ILE C 111 13.12 -28.15 -1.37
N GLN C 112 12.06 -28.12 -2.17
CA GLN C 112 10.72 -28.17 -1.62
C GLN C 112 10.40 -29.56 -1.09
N SER C 113 9.16 -29.74 -0.65
CA SER C 113 8.72 -31.01 -0.08
C SER C 113 7.68 -31.70 -0.96
N VAL C 114 7.07 -30.95 -1.88
CA VAL C 114 6.02 -31.52 -2.70
C VAL C 114 6.57 -32.05 -4.02
N LEU C 115 7.81 -31.73 -4.35
CA LEU C 115 8.37 -32.10 -5.64
C LEU C 115 9.17 -33.40 -5.61
N LEU C 116 9.60 -33.86 -4.43
CA LEU C 116 10.35 -35.10 -4.33
C LEU C 116 9.55 -36.26 -4.92
N PRO C 117 10.22 -37.27 -5.48
CA PRO C 117 9.50 -38.30 -6.24
C PRO C 117 8.64 -39.17 -5.33
N LYS C 118 7.39 -39.36 -5.74
CA LYS C 118 6.44 -40.18 -5.01
C LYS C 118 6.80 -41.66 -5.12
N ARG D 27 52.23 9.96 -7.65
CA ARG D 27 52.03 8.65 -8.26
C ARG D 27 51.41 7.67 -7.27
N LYS D 28 50.17 7.25 -7.54
CA LYS D 28 49.46 6.27 -6.73
C LYS D 28 49.41 6.72 -5.27
N THR D 29 48.72 7.83 -5.05
CA THR D 29 48.84 8.61 -3.81
C THR D 29 48.72 7.73 -2.56
N ARG D 30 47.57 7.12 -2.34
CA ARG D 30 47.38 6.05 -1.36
C ARG D 30 45.91 5.65 -1.41
N LYS D 31 45.58 4.61 -0.64
CA LYS D 31 44.19 4.19 -0.52
C LYS D 31 44.05 3.52 0.84
N GLU D 32 43.49 4.23 1.80
CA GLU D 32 43.37 3.70 3.15
C GLU D 32 42.27 2.64 3.21
N SER D 33 42.28 1.87 4.29
CA SER D 33 41.36 0.75 4.45
C SER D 33 41.44 0.24 5.89
N TYR D 34 40.69 -0.81 6.19
CA TYR D 34 40.67 -1.43 7.51
C TYR D 34 41.30 -2.82 7.51
N ALA D 35 42.15 -3.11 6.52
CA ALA D 35 42.67 -4.47 6.34
C ALA D 35 43.57 -4.88 7.50
N ILE D 36 44.55 -4.06 7.85
CA ILE D 36 45.51 -4.45 8.88
C ILE D 36 44.89 -4.52 10.26
N TYR D 37 43.64 -4.11 10.41
CA TYR D 37 42.93 -4.26 11.67
C TYR D 37 42.00 -5.46 11.67
N VAL D 38 41.31 -5.72 10.57
CA VAL D 38 40.56 -6.97 10.49
C VAL D 38 41.50 -8.16 10.64
N TYR D 39 42.68 -8.08 10.03
CA TYR D 39 43.62 -9.18 10.15
C TYR D 39 44.12 -9.35 11.58
N LYS D 40 44.21 -8.26 12.35
CA LYS D 40 44.58 -8.37 13.76
C LYS D 40 43.45 -8.96 14.59
N VAL D 41 42.21 -8.64 14.26
CA VAL D 41 41.09 -9.20 15.02
C VAL D 41 40.98 -10.70 14.78
N LEU D 42 41.20 -11.14 13.54
CA LEU D 42 41.00 -12.55 13.20
C LEU D 42 41.83 -13.47 14.09
N LYS D 43 43.08 -13.09 14.37
CA LYS D 43 44.01 -13.95 15.08
C LYS D 43 43.75 -14.03 16.58
N GLN D 44 42.64 -13.49 17.07
CA GLN D 44 42.23 -13.71 18.45
C GLN D 44 41.11 -14.72 18.57
N VAL D 45 40.49 -15.11 17.46
CA VAL D 45 39.39 -16.07 17.50
C VAL D 45 39.74 -17.30 16.67
N HIS D 46 40.73 -17.19 15.78
CA HIS D 46 41.19 -18.35 15.02
C HIS D 46 42.68 -18.25 14.75
N PRO D 47 43.51 -18.78 15.63
CA PRO D 47 44.97 -18.61 15.47
C PRO D 47 45.49 -19.03 14.10
N ASP D 48 45.25 -20.27 13.68
CA ASP D 48 45.79 -20.76 12.41
C ASP D 48 44.73 -20.73 11.32
N THR D 49 44.56 -19.55 10.72
CA THR D 49 43.58 -19.37 9.66
C THR D 49 43.97 -18.17 8.82
N GLY D 50 43.75 -18.29 7.51
CA GLY D 50 44.04 -17.21 6.59
C GLY D 50 42.80 -16.70 5.89
N ILE D 51 42.93 -15.62 5.13
CA ILE D 51 41.77 -14.97 4.53
C ILE D 51 42.19 -14.31 3.23
N SER D 52 41.47 -14.61 2.16
CA SER D 52 41.89 -14.24 0.82
C SER D 52 41.42 -12.83 0.46
N SER D 53 41.90 -12.35 -0.69
CA SER D 53 41.72 -10.95 -1.06
C SER D 53 40.26 -10.62 -1.34
N LYS D 54 39.56 -11.49 -2.05
CA LYS D 54 38.16 -11.24 -2.37
C LYS D 54 37.30 -11.10 -1.13
N ALA D 55 37.75 -11.68 -0.01
CA ALA D 55 37.00 -11.60 1.23
C ALA D 55 37.42 -10.44 2.09
N MET D 56 38.71 -10.09 2.05
CA MET D 56 39.13 -8.84 2.68
C MET D 56 38.38 -7.66 2.07
N SER D 57 38.26 -7.65 0.74
CA SER D 57 37.59 -6.59 0.02
C SER D 57 36.07 -6.62 0.19
N ILE D 58 35.54 -7.57 0.94
CA ILE D 58 34.13 -7.58 1.32
C ILE D 58 33.94 -7.09 2.75
N MET D 59 34.73 -7.62 3.68
CA MET D 59 34.63 -7.14 5.05
C MET D 59 34.93 -5.65 5.14
N ASN D 60 35.84 -5.16 4.29
CA ASN D 60 36.10 -3.73 4.21
C ASN D 60 34.81 -2.95 3.97
N SER D 61 34.08 -3.30 2.92
CA SER D 61 32.86 -2.56 2.60
C SER D 61 31.79 -2.75 3.66
N PHE D 62 31.78 -3.91 4.32
CA PHE D 62 30.79 -4.11 5.38
C PHE D 62 30.97 -3.11 6.50
N VAL D 63 32.21 -2.96 6.99
CA VAL D 63 32.45 -1.98 8.04
C VAL D 63 32.17 -0.57 7.54
N ASN D 64 32.67 -0.26 6.33
CA ASN D 64 32.51 1.08 5.79
C ASN D 64 31.06 1.40 5.47
N ASP D 65 30.19 0.40 5.54
CA ASP D 65 28.77 0.63 5.35
C ASP D 65 28.07 0.83 6.69
N VAL D 66 28.35 -0.02 7.67
CA VAL D 66 27.71 0.15 8.97
C VAL D 66 28.07 1.49 9.61
N PHE D 67 29.28 1.99 9.35
CA PHE D 67 29.71 3.23 9.97
C PHE D 67 28.77 4.39 9.68
N GLU D 68 28.40 4.56 8.42
CA GLU D 68 27.58 5.71 8.03
C GLU D 68 26.12 5.55 8.45
N ARG D 69 25.59 4.33 8.50
CA ARG D 69 24.27 4.17 9.08
C ARG D 69 24.25 4.54 10.55
N ILE D 70 25.32 4.26 11.29
CA ILE D 70 25.26 4.62 12.70
C ILE D 70 25.47 6.12 12.91
N ALA D 71 26.27 6.78 12.07
CA ALA D 71 26.49 8.21 12.30
C ALA D 71 25.30 9.06 11.82
N GLY D 72 24.76 8.71 10.67
CA GLY D 72 23.72 9.48 10.01
C GLY D 72 22.38 9.47 10.69
N GLU D 73 22.30 8.98 11.92
CA GLU D 73 21.10 9.09 12.73
C GLU D 73 21.34 9.79 14.05
N ALA D 74 22.52 9.65 14.63
CA ALA D 74 22.90 10.58 15.68
C ALA D 74 22.83 12.01 15.15
N SER D 75 23.14 12.19 13.87
CA SER D 75 22.92 13.48 13.24
C SER D 75 21.49 13.97 13.44
N ARG D 76 20.51 13.16 13.02
CA ARG D 76 19.13 13.64 13.00
C ARG D 76 18.54 13.74 14.40
N LEU D 77 18.98 12.89 15.32
CA LEU D 77 18.59 13.07 16.71
C LEU D 77 19.06 14.41 17.24
N ALA D 78 20.36 14.70 17.07
CA ALA D 78 20.88 15.98 17.54
C ALA D 78 20.17 17.15 16.90
N HIS D 79 19.69 16.97 15.66
CA HIS D 79 19.04 18.11 15.00
C HIS D 79 17.57 18.23 15.41
N TYR D 80 16.93 17.11 15.75
CA TYR D 80 15.54 17.18 16.23
C TYR D 80 15.49 17.87 17.59
N ASN D 81 16.33 17.45 18.52
CA ASN D 81 16.27 18.04 19.85
C ASN D 81 16.90 19.42 19.94
N LYS D 82 17.24 20.03 18.80
CA LYS D 82 17.79 21.38 18.75
C LYS D 82 19.05 21.49 19.62
N ARG D 83 20.08 20.75 19.21
CA ARG D 83 21.40 20.84 19.80
C ARG D 83 22.42 20.92 18.67
N SER D 84 23.69 20.86 19.06
CA SER D 84 24.78 20.93 18.10
C SER D 84 25.94 19.99 18.40
N THR D 85 25.81 19.10 19.38
CA THR D 85 26.90 18.22 19.78
C THR D 85 26.47 16.76 19.73
N ILE D 86 27.36 15.92 19.22
CA ILE D 86 27.20 14.48 19.23
C ILE D 86 27.98 13.94 20.42
N THR D 87 27.35 13.09 21.22
CA THR D 87 28.00 12.51 22.39
C THR D 87 27.60 11.05 22.54
N SER D 88 28.10 10.45 23.61
CA SER D 88 27.76 9.06 23.91
C SER D 88 26.27 8.87 24.15
N ARG D 89 25.59 9.85 24.73
CA ARG D 89 24.15 9.74 24.89
C ARG D 89 23.44 9.68 23.55
N GLU D 90 24.08 10.15 22.48
CA GLU D 90 23.50 9.97 21.14
C GLU D 90 23.93 8.64 20.53
N ILE D 91 25.18 8.25 20.70
CA ILE D 91 25.63 7.03 20.04
C ILE D 91 25.02 5.79 20.70
N GLN D 92 24.46 5.95 21.91
CA GLN D 92 23.67 4.83 22.43
C GLN D 92 22.32 4.76 21.76
N THR D 93 21.53 5.83 21.85
CA THR D 93 20.20 5.80 21.26
C THR D 93 20.24 5.50 19.77
N ALA D 94 21.38 5.73 19.12
CA ALA D 94 21.48 5.35 17.73
C ALA D 94 21.74 3.87 17.53
N VAL D 95 21.91 3.09 18.59
CA VAL D 95 22.15 1.66 18.46
C VAL D 95 20.90 0.86 18.76
N ARG D 96 20.11 1.27 19.75
CA ARG D 96 18.89 0.55 20.07
C ARG D 96 17.88 0.62 18.94
N LEU D 97 18.05 1.55 18.01
CA LEU D 97 17.14 1.66 16.87
C LEU D 97 17.63 0.89 15.66
N LEU D 98 18.93 0.65 15.54
CA LEU D 98 19.50 -0.07 14.41
C LEU D 98 19.66 -1.56 14.68
N LEU D 99 20.33 -1.91 15.76
CA LEU D 99 20.62 -3.33 15.90
C LEU D 99 19.46 -4.07 16.54
N PRO D 100 18.91 -5.08 15.88
CA PRO D 100 17.73 -5.76 16.40
C PRO D 100 18.04 -6.95 17.29
N GLY D 101 17.32 -7.02 18.41
CA GLY D 101 17.31 -8.20 19.24
C GLY D 101 18.36 -8.25 20.33
N GLU D 102 19.30 -9.19 20.21
CA GLU D 102 20.29 -9.42 21.24
C GLU D 102 21.61 -8.69 20.99
N LEU D 103 21.91 -8.38 19.74
CA LEU D 103 23.05 -7.51 19.47
C LEU D 103 22.88 -6.17 20.17
N ALA D 104 21.66 -5.64 20.22
CA ALA D 104 21.43 -4.38 20.89
C ALA D 104 21.62 -4.48 22.39
N LYS D 105 21.64 -5.68 22.96
CA LYS D 105 21.86 -5.86 24.38
C LYS D 105 23.29 -6.21 24.71
N HIS D 106 24.04 -6.74 23.74
CA HIS D 106 25.45 -7.02 24.02
C HIS D 106 26.36 -5.87 23.60
N ALA D 107 26.12 -5.23 22.46
CA ALA D 107 26.98 -4.14 22.03
C ALA D 107 26.91 -2.96 22.99
N VAL D 108 25.73 -2.68 23.53
CA VAL D 108 25.59 -1.60 24.50
C VAL D 108 26.40 -1.92 25.75
N SER D 109 26.38 -3.17 26.21
CA SER D 109 27.21 -3.55 27.33
C SER D 109 28.69 -3.43 27.00
N GLU D 110 29.05 -3.64 25.74
CA GLU D 110 30.46 -3.53 25.35
C GLU D 110 30.95 -2.10 25.41
N GLY D 111 30.25 -1.18 24.73
CA GLY D 111 30.76 0.17 24.58
C GLY D 111 31.00 0.91 25.88
N THR D 112 30.07 0.79 26.82
CA THR D 112 30.17 1.48 28.10
C THR D 112 31.24 0.89 29.01
N LYS D 113 32.02 -0.07 28.52
CA LYS D 113 33.25 -0.48 29.18
C LYS D 113 34.44 0.33 28.71
N ALA D 114 34.59 0.49 27.40
CA ALA D 114 35.67 1.30 26.88
C ALA D 114 35.50 2.76 27.28
N VAL D 115 34.28 3.29 27.18
CA VAL D 115 34.10 4.70 27.53
C VAL D 115 34.38 4.93 29.02
N THR D 116 34.10 3.94 29.86
CA THR D 116 34.42 4.07 31.28
C THR D 116 35.91 3.96 31.53
N LYS D 117 36.56 2.93 30.99
CA LYS D 117 37.98 2.71 31.26
C LYS D 117 38.85 3.84 30.72
N TYR D 118 38.44 4.44 29.59
CA TYR D 118 39.26 5.47 28.97
C TYR D 118 39.47 6.66 29.90
N THR D 119 38.38 7.23 30.40
CA THR D 119 38.48 8.44 31.21
C THR D 119 39.31 8.21 32.45
N SER D 120 39.14 7.06 33.10
CA SER D 120 39.84 6.78 34.35
C SER D 120 41.30 6.39 34.09
N ALA D 121 42.02 7.33 33.50
CA ALA D 121 43.43 7.14 33.19
C ALA D 121 44.12 8.47 32.97
N LYS E 37 16.88 -50.11 -26.15
CA LYS E 37 16.47 -49.66 -24.82
C LYS E 37 17.66 -49.15 -24.01
N PRO E 38 18.07 -47.89 -24.27
CA PRO E 38 19.25 -47.31 -23.63
C PRO E 38 19.02 -46.84 -22.19
N HIS E 39 18.32 -47.67 -21.42
CA HIS E 39 18.20 -47.57 -19.96
C HIS E 39 17.33 -46.41 -19.50
N ARG E 40 17.03 -45.45 -20.39
CA ARG E 40 15.86 -44.59 -20.30
C ARG E 40 15.44 -44.18 -18.89
N TYR E 41 16.28 -43.41 -18.19
CA TYR E 41 15.89 -42.85 -16.90
C TYR E 41 14.46 -42.31 -16.95
N ARG E 42 13.67 -42.58 -15.92
CA ARG E 42 12.26 -42.26 -15.97
C ARG E 42 12.04 -40.76 -15.88
N PRO E 43 11.30 -40.20 -16.86
CA PRO E 43 11.12 -38.75 -16.95
C PRO E 43 10.78 -38.11 -15.61
N GLY E 44 11.55 -37.08 -15.26
CA GLY E 44 11.34 -36.36 -14.02
C GLY E 44 12.41 -36.61 -12.97
N THR E 45 13.55 -37.17 -13.32
CA THR E 45 14.59 -37.37 -12.33
C THR E 45 15.91 -36.71 -12.72
N VAL E 46 16.17 -36.56 -14.02
CA VAL E 46 17.36 -35.81 -14.42
C VAL E 46 17.28 -34.37 -13.93
N ALA E 47 16.08 -33.80 -13.93
CA ALA E 47 15.93 -32.43 -13.44
C ALA E 47 16.23 -32.34 -11.96
N LEU E 48 15.69 -33.27 -11.18
CA LEU E 48 15.97 -33.31 -9.75
C LEU E 48 17.41 -33.72 -9.46
N ARG E 49 18.14 -34.20 -10.47
CA ARG E 49 19.53 -34.57 -10.33
C ARG E 49 20.49 -33.46 -10.73
N GLU E 50 19.99 -32.31 -11.17
CA GLU E 50 20.82 -31.14 -11.38
C GLU E 50 20.34 -29.92 -10.62
N ILE E 51 19.09 -29.92 -10.14
CA ILE E 51 18.68 -28.94 -9.14
C ILE E 51 19.64 -28.95 -7.97
N ARG E 52 20.19 -30.12 -7.65
CA ARG E 52 21.11 -30.26 -6.54
C ARG E 52 22.56 -30.33 -6.99
N ARG E 53 22.88 -29.89 -8.20
CA ARG E 53 24.25 -29.57 -8.55
C ARG E 53 24.44 -28.10 -8.90
N TYR E 54 23.37 -27.41 -9.24
CA TYR E 54 23.45 -25.97 -9.45
C TYR E 54 23.19 -25.17 -8.18
N GLN E 55 23.09 -25.83 -7.03
CA GLN E 55 22.94 -25.14 -5.76
C GLN E 55 24.21 -25.20 -4.91
N LYS E 56 25.32 -25.66 -5.50
CA LYS E 56 26.58 -25.71 -4.79
C LYS E 56 27.73 -25.02 -5.51
N SER E 57 27.60 -24.76 -6.80
CA SER E 57 28.65 -24.03 -7.49
C SER E 57 28.50 -22.53 -7.24
N THR E 58 29.47 -21.77 -7.75
CA THR E 58 29.49 -20.33 -7.58
C THR E 58 29.75 -19.59 -8.89
N GLU E 59 29.72 -20.28 -10.02
CA GLU E 59 30.06 -19.64 -11.29
C GLU E 59 28.86 -18.83 -11.77
N LEU E 60 29.05 -18.10 -12.86
CA LEU E 60 27.98 -17.35 -13.51
C LEU E 60 27.54 -18.10 -14.76
N LEU E 61 26.27 -17.96 -15.12
CA LEU E 61 25.61 -18.89 -16.02
C LEU E 61 25.09 -18.23 -17.29
N ILE E 62 25.73 -17.17 -17.76
CA ILE E 62 25.41 -16.57 -19.05
C ILE E 62 26.73 -16.29 -19.76
N ARG E 63 26.66 -16.24 -21.09
CA ARG E 63 27.87 -16.10 -21.88
C ARG E 63 28.36 -14.66 -21.88
N LYS E 64 29.66 -14.48 -21.68
CA LYS E 64 30.21 -13.17 -21.40
C LYS E 64 30.09 -12.24 -22.60
N LEU E 65 30.43 -12.71 -23.80
CA LEU E 65 30.36 -11.84 -24.97
C LEU E 65 28.92 -11.53 -25.37
N PRO E 66 28.00 -12.49 -25.38
CA PRO E 66 26.60 -12.13 -25.65
C PRO E 66 25.97 -11.29 -24.57
N PHE E 67 26.54 -11.24 -23.36
CA PHE E 67 26.04 -10.23 -22.43
C PHE E 67 26.64 -8.86 -22.71
N GLN E 68 27.95 -8.77 -22.92
CA GLN E 68 28.55 -7.46 -23.14
C GLN E 68 28.15 -6.84 -24.46
N ARG E 69 27.56 -7.61 -25.37
CA ARG E 69 27.01 -7.00 -26.58
C ARG E 69 25.64 -6.39 -26.37
N LEU E 70 24.95 -6.75 -25.29
CA LEU E 70 23.63 -6.18 -25.03
C LEU E 70 23.71 -4.86 -24.29
N VAL E 71 24.66 -4.74 -23.35
CA VAL E 71 24.82 -3.51 -22.60
C VAL E 71 25.22 -2.36 -23.52
N ARG E 72 26.22 -2.59 -24.37
CA ARG E 72 26.67 -1.55 -25.28
C ARG E 72 25.63 -1.16 -26.31
N GLU E 73 24.51 -1.87 -26.40
CA GLU E 73 23.44 -1.49 -27.31
C GLU E 73 22.27 -0.84 -26.60
N ILE E 74 21.99 -1.22 -25.35
CA ILE E 74 20.96 -0.51 -24.60
C ILE E 74 21.38 0.91 -24.32
N ALA E 75 22.66 1.12 -23.99
CA ALA E 75 23.17 2.42 -23.59
C ALA E 75 23.57 3.31 -24.76
N GLN E 76 23.06 3.02 -25.96
CA GLN E 76 23.33 3.86 -27.11
C GLN E 76 22.29 4.94 -27.30
N ASP E 77 21.20 4.91 -26.54
CA ASP E 77 20.13 5.89 -26.66
C ASP E 77 20.37 7.12 -25.81
N PHE E 78 21.10 7.00 -24.71
CA PHE E 78 21.22 8.07 -23.74
C PHE E 78 22.37 9.01 -24.03
N LYS E 79 23.52 8.48 -24.48
CA LYS E 79 24.67 9.32 -24.75
C LYS E 79 25.46 8.64 -25.86
N THR E 80 26.26 9.42 -26.58
CA THR E 80 26.85 8.94 -27.81
C THR E 80 28.33 8.61 -27.63
N ASP E 81 28.73 7.46 -28.19
CA ASP E 81 30.13 7.07 -28.31
C ASP E 81 30.82 6.99 -26.94
N LEU E 82 30.37 6.05 -26.13
CA LEU E 82 30.92 5.82 -24.80
C LEU E 82 32.02 4.79 -24.84
N ARG E 83 32.68 4.62 -23.68
CA ARG E 83 33.66 3.56 -23.48
C ARG E 83 33.52 3.04 -22.06
N PHE E 84 33.37 1.72 -21.95
CA PHE E 84 33.09 1.07 -20.69
C PHE E 84 34.37 0.58 -20.05
N GLN E 85 34.51 0.78 -18.74
CA GLN E 85 35.60 0.16 -18.03
C GLN E 85 35.42 -1.35 -18.02
N SER E 86 36.51 -2.07 -17.80
CA SER E 86 36.47 -3.53 -17.93
C SER E 86 35.94 -4.20 -16.67
N SER E 87 35.93 -3.51 -15.54
CA SER E 87 35.36 -4.03 -14.33
C SER E 87 34.01 -3.43 -13.99
N ALA E 88 33.36 -2.77 -14.94
CA ALA E 88 31.98 -2.34 -14.77
C ALA E 88 31.03 -3.11 -15.65
N VAL E 89 31.51 -4.13 -16.34
CA VAL E 89 30.63 -5.08 -16.99
C VAL E 89 30.38 -6.30 -16.12
N NLE E 90 31.41 -6.72 -15.39
CA NLE E 90 31.30 -7.83 -14.47
C NLE E 90 30.55 -7.40 -13.24
O NLE E 90 30.23 -8.26 -12.39
CB NLE E 90 32.69 -8.28 -14.06
CG NLE E 90 32.98 -9.68 -14.58
CD NLE E 90 32.63 -9.78 -16.06
CE NLE E 90 33.30 -10.97 -16.69
N ALA E 91 30.27 -6.10 -13.10
CA ALA E 91 29.54 -5.60 -11.95
C ALA E 91 28.04 -5.53 -12.21
N LEU E 92 27.60 -5.76 -13.44
CA LEU E 92 26.18 -5.78 -13.74
C LEU E 92 25.66 -7.21 -13.83
N GLN E 93 26.51 -8.14 -14.25
CA GLN E 93 26.10 -9.53 -14.41
C GLN E 93 25.63 -10.09 -13.09
N GLU E 94 26.31 -9.75 -12.00
CA GLU E 94 25.92 -10.27 -10.69
C GLU E 94 24.57 -9.72 -10.26
N ALA E 95 24.35 -8.42 -10.44
CA ALA E 95 23.05 -7.87 -10.09
C ALA E 95 21.94 -8.53 -10.89
N SER E 96 22.13 -8.69 -12.21
CA SER E 96 21.07 -9.25 -13.04
C SER E 96 20.76 -10.69 -12.66
N GLU E 97 21.79 -11.51 -12.47
CA GLU E 97 21.55 -12.90 -12.13
C GLU E 97 20.96 -13.05 -10.74
N ALA E 98 21.42 -12.23 -9.78
CA ALA E 98 20.86 -12.31 -8.43
C ALA E 98 19.46 -11.73 -8.37
N TYR E 99 19.03 -11.00 -9.40
CA TYR E 99 17.63 -10.60 -9.49
C TYR E 99 16.76 -11.73 -10.04
N LEU E 100 17.18 -12.33 -11.16
CA LEU E 100 16.36 -13.38 -11.76
C LEU E 100 16.28 -14.61 -10.86
N VAL E 101 17.39 -15.00 -10.24
CA VAL E 101 17.42 -16.19 -9.41
C VAL E 101 16.55 -16.03 -8.16
N GLY E 102 16.32 -14.79 -7.74
CA GLY E 102 15.44 -14.56 -6.61
C GLY E 102 14.01 -14.24 -7.02
N LEU E 103 13.78 -13.96 -8.31
CA LEU E 103 12.40 -13.88 -8.79
C LEU E 103 11.81 -15.27 -9.04
N PHE E 104 12.62 -16.21 -9.48
CA PHE E 104 12.07 -17.53 -9.78
C PHE E 104 11.66 -18.28 -8.52
N GLU E 105 12.36 -18.06 -7.40
CA GLU E 105 11.96 -18.70 -6.16
C GLU E 105 10.63 -18.16 -5.63
N ASP E 106 10.21 -16.99 -6.08
CA ASP E 106 8.91 -16.46 -5.65
C ASP E 106 7.83 -16.79 -6.67
N THR E 107 8.23 -17.02 -7.93
CA THR E 107 7.29 -17.60 -8.87
C THR E 107 6.93 -19.03 -8.48
N ASN E 108 7.92 -19.81 -7.99
CA ASN E 108 7.67 -21.22 -7.71
C ASN E 108 6.82 -21.45 -6.47
N LEU E 109 6.24 -20.42 -5.88
CA LEU E 109 5.29 -20.65 -4.80
C LEU E 109 3.85 -20.47 -5.25
N CYS E 110 3.61 -19.60 -6.23
CA CYS E 110 2.28 -19.49 -6.79
C CYS E 110 1.85 -20.79 -7.45
N GLY E 111 2.72 -21.36 -8.28
CA GLY E 111 2.39 -22.59 -8.98
C GLY E 111 2.08 -23.73 -8.01
N ILE E 112 2.63 -23.67 -6.80
CA ILE E 112 2.27 -24.67 -5.81
C ILE E 112 0.96 -24.29 -5.12
N HIS E 113 0.70 -23.00 -4.97
CA HIS E 113 -0.58 -22.59 -4.39
C HIS E 113 -1.74 -23.06 -5.25
N ALA E 114 -1.63 -22.89 -6.56
CA ALA E 114 -2.72 -23.29 -7.45
C ALA E 114 -2.81 -24.79 -7.69
N LYS E 115 -2.07 -25.59 -6.93
CA LYS E 115 -2.05 -27.05 -7.08
C LYS E 115 -1.55 -27.46 -8.47
N ARG E 116 -0.34 -27.02 -8.79
CA ARG E 116 0.36 -27.39 -10.01
C ARG E 116 1.80 -27.73 -9.67
N VAL E 117 2.60 -28.07 -10.67
CA VAL E 117 4.04 -28.17 -10.46
C VAL E 117 4.79 -27.45 -11.58
N THR E 118 4.08 -27.05 -12.63
CA THR E 118 4.72 -26.35 -13.75
C THR E 118 4.34 -24.89 -13.75
N ILE E 119 5.34 -24.03 -13.68
CA ILE E 119 5.13 -22.58 -13.63
C ILE E 119 4.73 -22.10 -15.02
N NLE E 120 3.85 -21.10 -15.07
CA NLE E 120 3.36 -20.56 -16.33
C NLE E 120 3.51 -19.08 -16.36
O NLE E 120 3.82 -18.47 -15.31
CB NLE E 120 1.90 -20.94 -16.50
CG NLE E 120 1.78 -22.35 -17.06
CD NLE E 120 0.40 -22.59 -17.64
CE NLE E 120 0.16 -24.07 -17.83
N PRO E 121 3.30 -18.46 -17.53
CA PRO E 121 3.47 -17.01 -17.64
C PRO E 121 2.39 -16.18 -16.97
N LYS E 122 1.31 -16.79 -16.50
CA LYS E 122 0.35 -16.07 -15.67
C LYS E 122 0.70 -16.11 -14.20
N ASP E 123 1.96 -16.40 -13.87
CA ASP E 123 2.42 -16.39 -12.49
C ASP E 123 3.39 -15.25 -12.21
N ILE E 124 4.41 -15.08 -13.06
CA ILE E 124 5.35 -13.98 -12.94
C ILE E 124 4.64 -12.67 -12.66
N GLN E 125 3.55 -12.39 -13.39
CA GLN E 125 2.82 -11.15 -13.21
C GLN E 125 2.22 -11.02 -11.83
N LEU E 126 1.75 -12.12 -11.25
CA LEU E 126 1.21 -12.05 -9.89
C LEU E 126 2.30 -11.71 -8.88
N ALA E 127 3.46 -12.34 -9.00
CA ALA E 127 4.54 -12.06 -8.07
C ALA E 127 4.98 -10.61 -8.17
N ARG E 128 5.13 -10.11 -9.39
CA ARG E 128 5.55 -8.72 -9.54
C ARG E 128 4.49 -7.76 -8.99
N ARG E 129 3.24 -8.01 -9.32
CA ARG E 129 2.15 -7.16 -8.85
C ARG E 129 2.08 -7.12 -7.32
N ILE E 130 2.22 -8.29 -6.68
CA ILE E 130 2.15 -8.31 -5.23
C ILE E 130 3.37 -7.62 -4.62
N ARG E 131 4.55 -7.79 -5.21
CA ARG E 131 5.72 -7.08 -4.72
C ARG E 131 5.51 -5.57 -4.78
N GLY E 132 4.99 -5.07 -5.88
CA GLY E 132 4.82 -3.63 -6.03
C GLY E 132 5.73 -3.01 -7.06
N GLU E 133 5.99 -3.73 -8.14
CA GLU E 133 6.89 -3.27 -9.20
C GLU E 133 6.15 -2.92 -10.47
N ARG E 134 4.84 -3.05 -10.49
CA ARG E 134 4.04 -2.70 -11.66
C ARG E 134 2.59 -2.48 -11.29
N ARG F 17 34.63 7.30 -35.13
CA ARG F 17 33.22 7.08 -34.86
C ARG F 17 32.77 5.71 -35.35
N HIS F 18 33.53 4.68 -34.97
CA HIS F 18 33.20 3.32 -35.40
C HIS F 18 32.00 2.83 -34.62
N ARG F 19 30.80 3.17 -35.09
CA ARG F 19 29.54 2.90 -34.42
C ARG F 19 28.64 2.05 -35.31
N LYS F 20 29.18 0.97 -35.84
CA LYS F 20 28.44 0.10 -36.74
C LYS F 20 27.13 -0.32 -36.10
N VAL F 21 26.02 0.09 -36.72
CA VAL F 21 24.72 0.00 -36.06
C VAL F 21 24.37 -1.46 -35.76
N LEU F 22 23.63 -1.65 -34.67
CA LEU F 22 23.30 -2.97 -34.14
C LEU F 22 21.80 -3.23 -34.24
N ARG F 23 21.44 -4.51 -34.26
CA ARG F 23 20.04 -4.88 -34.41
C ARG F 23 19.80 -6.27 -33.83
N ASP F 24 18.86 -6.34 -32.87
CA ASP F 24 18.37 -7.59 -32.30
C ASP F 24 19.49 -8.42 -31.67
N ASN F 25 20.07 -7.86 -30.61
CA ASN F 25 21.03 -8.59 -29.78
C ASN F 25 20.43 -9.07 -28.47
N ILE F 26 19.11 -8.89 -28.27
CA ILE F 26 18.46 -9.49 -27.13
C ILE F 26 18.35 -11.00 -27.26
N GLN F 27 18.30 -11.52 -28.48
CA GLN F 27 18.16 -12.95 -28.69
C GLN F 27 19.44 -13.72 -28.39
N GLY F 28 20.42 -13.09 -27.76
CA GLY F 28 21.60 -13.76 -27.28
C GLY F 28 21.42 -14.46 -25.96
N ILE F 29 20.42 -14.08 -25.18
CA ILE F 29 20.06 -14.81 -23.95
C ILE F 29 19.25 -16.00 -24.42
N THR F 30 19.93 -17.12 -24.64
CA THR F 30 19.33 -18.25 -25.32
C THR F 30 18.44 -19.04 -24.36
N LYS F 31 18.00 -20.20 -24.80
CA LYS F 31 17.05 -21.03 -24.08
C LYS F 31 17.72 -21.78 -22.92
N PRO F 32 18.80 -22.54 -23.15
CA PRO F 32 19.41 -23.25 -22.02
C PRO F 32 19.98 -22.32 -20.98
N ALA F 33 20.43 -21.14 -21.38
CA ALA F 33 20.92 -20.16 -20.42
C ALA F 33 19.81 -19.80 -19.43
N ILE F 34 18.61 -19.52 -19.92
CA ILE F 34 17.51 -19.23 -19.02
C ILE F 34 17.14 -20.46 -18.21
N ARG F 35 17.21 -21.65 -18.81
CA ARG F 35 16.87 -22.84 -18.04
C ARG F 35 17.83 -23.06 -16.87
N ARG F 36 19.10 -22.65 -17.01
CA ARG F 36 20.03 -22.84 -15.89
C ARG F 36 19.69 -21.91 -14.73
N LEU F 37 19.43 -20.63 -15.02
CA LEU F 37 18.97 -19.73 -13.96
C LEU F 37 17.70 -20.25 -13.32
N ALA F 38 16.83 -20.87 -14.10
CA ALA F 38 15.64 -21.50 -13.52
C ALA F 38 16.00 -22.62 -12.57
N ARG F 39 16.79 -23.59 -13.03
CA ARG F 39 17.12 -24.74 -12.20
C ARG F 39 17.78 -24.33 -10.91
N ARG F 40 18.64 -23.30 -10.94
CA ARG F 40 19.23 -22.87 -9.68
C ARG F 40 18.17 -22.39 -8.69
N GLY F 41 17.09 -21.81 -9.16
CA GLY F 41 16.05 -21.33 -8.28
C GLY F 41 15.19 -22.40 -7.66
N GLY F 42 15.25 -23.63 -8.15
CA GLY F 42 14.48 -24.71 -7.61
C GLY F 42 13.15 -24.95 -8.27
N VAL F 43 13.11 -25.13 -9.59
CA VAL F 43 11.88 -25.45 -10.31
C VAL F 43 12.07 -26.78 -11.02
N LYS F 44 11.02 -27.59 -11.04
CA LYS F 44 11.10 -28.97 -11.53
C LYS F 44 10.63 -29.11 -12.98
N ARG F 45 9.72 -28.25 -13.43
CA ARG F 45 9.10 -28.41 -14.74
C ARG F 45 8.66 -27.05 -15.24
N ILE F 46 8.96 -26.74 -16.49
CA ILE F 46 8.88 -25.39 -17.02
C ILE F 46 7.97 -25.39 -18.23
N SER F 47 7.19 -24.32 -18.40
CA SER F 47 6.27 -24.21 -19.53
C SER F 47 7.05 -23.82 -20.78
N GLY F 48 6.34 -23.42 -21.83
CA GLY F 48 6.99 -23.14 -23.10
C GLY F 48 6.91 -21.71 -23.56
N LEU F 49 6.23 -20.86 -22.79
CA LEU F 49 6.10 -19.45 -23.11
C LEU F 49 6.78 -18.54 -22.09
N ILE F 50 7.68 -19.08 -21.27
CA ILE F 50 8.43 -18.26 -20.32
C ILE F 50 9.64 -17.62 -21.00
N TYR F 51 10.13 -18.23 -22.07
CA TYR F 51 11.33 -17.74 -22.73
C TYR F 51 11.05 -16.48 -23.52
N GLU F 52 9.81 -16.03 -23.57
CA GLU F 52 9.49 -14.79 -24.25
C GLU F 52 9.08 -13.68 -23.29
N GLU F 53 8.89 -14.00 -22.02
CA GLU F 53 8.66 -12.97 -21.02
C GLU F 53 9.86 -12.71 -20.13
N THR F 54 10.76 -13.68 -20.01
CA THR F 54 11.97 -13.38 -19.25
C THR F 54 12.81 -12.31 -19.92
N ARG F 55 12.90 -12.32 -21.26
CA ARG F 55 13.59 -11.24 -21.95
C ARG F 55 12.91 -9.90 -21.71
N GLY F 56 11.58 -9.88 -21.75
CA GLY F 56 10.87 -8.63 -21.54
C GLY F 56 10.95 -8.14 -20.11
N VAL F 57 11.28 -9.02 -19.17
CA VAL F 57 11.51 -8.59 -17.80
C VAL F 57 12.93 -8.07 -17.61
N LEU F 58 13.89 -8.66 -18.32
CA LEU F 58 15.29 -8.24 -18.16
C LEU F 58 15.54 -6.89 -18.83
N LYS F 59 14.99 -6.69 -20.02
CA LYS F 59 15.25 -5.47 -20.76
C LYS F 59 14.58 -4.25 -20.15
N VAL F 60 13.89 -4.41 -19.02
CA VAL F 60 13.36 -3.26 -18.31
C VAL F 60 14.13 -3.02 -17.02
N PHE F 61 14.67 -4.06 -16.40
CA PHE F 61 15.61 -3.86 -15.30
C PHE F 61 16.86 -3.14 -15.77
N LEU F 62 17.40 -3.49 -16.94
CA LEU F 62 18.70 -2.92 -17.29
C LEU F 62 18.65 -1.41 -17.52
N GLU F 63 17.50 -0.88 -17.95
CA GLU F 63 17.46 0.53 -18.34
C GLU F 63 17.44 1.44 -17.13
N ASN F 64 16.66 1.10 -16.10
CA ASN F 64 16.58 1.92 -14.90
C ASN F 64 17.92 2.04 -14.20
N VAL F 65 18.90 1.19 -14.52
CA VAL F 65 20.22 1.26 -13.93
C VAL F 65 21.22 1.91 -14.86
N ILE F 66 21.17 1.59 -16.15
CA ILE F 66 22.13 2.18 -17.07
C ILE F 66 21.89 3.67 -17.23
N ARG F 67 20.63 4.10 -17.25
CA ARG F 67 20.35 5.53 -17.37
C ARG F 67 20.96 6.29 -16.21
N ASP F 68 20.83 5.77 -14.99
CA ASP F 68 21.39 6.44 -13.83
C ASP F 68 22.91 6.41 -13.83
N ALA F 69 23.52 5.31 -14.27
CA ALA F 69 24.98 5.31 -14.38
C ALA F 69 25.47 6.37 -15.34
N VAL F 70 24.78 6.52 -16.48
CA VAL F 70 25.23 7.52 -17.45
C VAL F 70 25.01 8.93 -16.91
N THR F 71 23.93 9.15 -16.15
CA THR F 71 23.75 10.47 -15.55
C THR F 71 24.83 10.76 -14.52
N TYR F 72 25.20 9.79 -13.70
CA TYR F 72 26.28 10.00 -12.75
C TYR F 72 27.60 10.25 -13.46
N THR F 73 27.78 9.71 -14.67
CA THR F 73 29.01 9.96 -15.40
C THR F 73 29.03 11.36 -16.00
N GLU F 74 27.93 11.79 -16.60
CA GLU F 74 27.90 13.09 -17.26
C GLU F 74 28.22 14.23 -16.30
N HIS F 75 27.64 14.22 -15.11
CA HIS F 75 27.85 15.30 -14.15
C HIS F 75 29.32 15.53 -13.83
N ALA F 76 30.18 14.53 -14.01
CA ALA F 76 31.58 14.69 -13.70
C ALA F 76 32.43 15.04 -14.92
N LYS F 77 31.80 15.22 -16.08
CA LYS F 77 32.50 15.59 -17.30
C LYS F 77 33.60 14.58 -17.64
N ARG F 78 33.23 13.32 -17.77
CA ARG F 78 34.13 12.27 -18.22
C ARG F 78 33.57 11.61 -19.46
N LYS F 79 34.22 10.52 -19.88
CA LYS F 79 33.74 9.73 -20.99
C LYS F 79 33.86 8.22 -20.78
N THR F 80 34.18 7.77 -19.57
CA THR F 80 34.36 6.36 -19.30
C THR F 80 33.53 5.95 -18.09
N VAL F 81 32.54 5.09 -18.32
CA VAL F 81 31.69 4.60 -17.24
C VAL F 81 32.50 3.67 -16.36
N THR F 82 32.79 4.09 -15.14
CA THR F 82 33.66 3.32 -14.26
C THR F 82 32.82 2.34 -13.44
N ALA F 83 33.44 1.75 -12.43
CA ALA F 83 32.83 0.70 -11.63
C ALA F 83 32.33 1.20 -10.29
N MET F 84 32.39 2.50 -10.03
CA MET F 84 31.76 3.06 -8.85
C MET F 84 30.42 3.71 -9.16
N ASP F 85 30.24 4.20 -10.38
CA ASP F 85 28.95 4.75 -10.76
C ASP F 85 27.88 3.67 -10.74
N VAL F 86 28.22 2.45 -11.13
CA VAL F 86 27.24 1.38 -11.05
C VAL F 86 26.90 1.06 -9.61
N VAL F 87 27.88 1.07 -8.72
CA VAL F 87 27.60 0.80 -7.31
C VAL F 87 26.70 1.88 -6.73
N TYR F 88 26.92 3.13 -7.12
CA TYR F 88 26.06 4.22 -6.62
C TYR F 88 24.65 4.09 -7.18
N ALA F 89 24.52 3.84 -8.49
CA ALA F 89 23.20 3.70 -9.09
C ALA F 89 22.44 2.52 -8.50
N LEU F 90 23.15 1.46 -8.09
CA LEU F 90 22.49 0.33 -7.47
C LEU F 90 22.12 0.60 -6.01
N LYS F 91 23.00 1.27 -5.27
CA LYS F 91 22.64 1.65 -3.90
C LYS F 91 21.48 2.64 -3.89
N ARG F 92 21.24 3.30 -5.02
CA ARG F 92 20.16 4.28 -5.07
C ARG F 92 18.79 3.63 -4.96
N GLN F 93 18.61 2.42 -5.50
CA GLN F 93 17.32 1.75 -5.51
C GLN F 93 17.21 0.67 -4.44
N GLY F 94 17.95 0.77 -3.35
CA GLY F 94 17.90 -0.24 -2.31
C GLY F 94 18.29 -1.61 -2.80
N ARG F 95 19.44 -1.71 -3.49
CA ARG F 95 19.97 -2.97 -3.96
C ARG F 95 21.47 -3.03 -3.74
N THR F 96 21.90 -2.64 -2.54
CA THR F 96 23.33 -2.52 -2.25
C THR F 96 24.11 -3.75 -2.69
N LEU F 97 25.34 -3.54 -3.14
CA LEU F 97 26.15 -4.60 -3.72
C LEU F 97 27.55 -4.54 -3.12
N TYR F 98 27.89 -5.52 -2.29
CA TYR F 98 29.21 -5.62 -1.68
C TYR F 98 30.16 -6.33 -2.63
N GLY F 99 31.42 -5.93 -2.61
CA GLY F 99 32.42 -6.71 -3.31
C GLY F 99 33.33 -5.92 -4.22
N PHE F 100 32.83 -4.86 -4.84
CA PHE F 100 33.56 -4.18 -5.89
C PHE F 100 34.07 -2.81 -5.46
N GLY F 101 34.23 -2.60 -4.17
CA GLY F 101 34.83 -1.37 -3.69
C GLY F 101 33.80 -0.28 -3.50
N GLY F 102 34.10 0.65 -2.59
CA GLY F 102 33.21 1.74 -2.31
C GLY F 102 33.11 2.03 -0.82
N THR G 10 22.44 50.94 5.07
CA THR G 10 21.95 51.02 3.70
C THR G 10 21.54 52.45 3.34
N ARG G 11 21.20 52.66 2.08
CA ARG G 11 20.77 53.98 1.62
C ARG G 11 19.50 53.96 0.81
N ALA G 12 19.42 53.16 -0.25
CA ALA G 12 18.33 53.21 -1.20
C ALA G 12 17.18 52.31 -0.76
N LYS G 13 16.23 52.13 -1.67
CA LYS G 13 15.04 51.33 -1.37
C LYS G 13 15.35 49.85 -1.45
N ALA G 14 14.62 49.07 -0.65
CA ALA G 14 14.83 47.64 -0.54
C ALA G 14 13.91 46.87 -1.47
N LYS G 15 14.48 46.25 -2.49
CA LYS G 15 13.76 45.37 -3.39
C LYS G 15 14.05 43.92 -3.04
N THR G 16 13.05 43.25 -2.46
CA THR G 16 13.21 41.90 -1.93
C THR G 16 13.71 40.95 -3.01
N ARG G 17 14.60 40.05 -2.61
CA ARG G 17 15.25 39.15 -3.55
C ARG G 17 14.29 38.20 -4.23
N SER G 18 13.08 38.04 -3.71
CA SER G 18 12.10 37.22 -4.40
C SER G 18 11.49 37.94 -5.58
N SER G 19 11.48 39.28 -5.55
CA SER G 19 10.77 40.04 -6.57
C SER G 19 11.54 40.09 -7.88
N ARG G 20 12.87 40.16 -7.81
CA ARG G 20 13.68 40.28 -9.02
C ARG G 20 13.42 39.14 -9.99
N ALA G 21 13.38 37.91 -9.49
CA ALA G 21 13.26 36.75 -10.37
C ALA G 21 11.84 36.52 -10.85
N GLY G 22 10.85 36.91 -10.05
CA GLY G 22 9.47 36.74 -10.47
C GLY G 22 8.81 35.51 -9.88
N LEU G 23 9.13 35.21 -8.63
CA LEU G 23 8.59 34.06 -7.93
C LEU G 23 7.58 34.52 -6.88
N GLN G 24 7.04 33.54 -6.15
CA GLN G 24 6.16 33.82 -5.02
C GLN G 24 6.62 33.11 -3.75
N PHE G 25 7.70 32.34 -3.82
CA PHE G 25 8.25 31.60 -2.70
C PHE G 25 9.45 32.33 -2.11
N PRO G 26 9.75 32.13 -0.83
CA PRO G 26 10.77 32.97 -0.20
C PRO G 26 12.20 32.57 -0.53
N VAL G 27 12.83 33.32 -1.42
CA VAL G 27 14.22 33.08 -1.75
C VAL G 27 15.12 33.63 -0.65
N GLY G 28 14.57 34.40 0.26
CA GLY G 28 15.36 34.83 1.39
C GLY G 28 15.40 33.74 2.44
N ARG G 29 14.27 33.08 2.66
CA ARG G 29 14.18 32.06 3.68
C ARG G 29 14.80 30.74 3.26
N VAL G 30 14.67 30.36 1.99
CA VAL G 30 15.32 29.12 1.53
C VAL G 30 16.83 29.16 1.79
N HIS G 31 17.45 30.32 1.64
CA HIS G 31 18.90 30.41 1.77
C HIS G 31 19.35 30.10 3.20
N ARG G 32 18.64 30.65 4.18
CA ARG G 32 19.00 30.37 5.57
C ARG G 32 18.87 28.90 5.91
N LEU G 33 17.81 28.24 5.43
CA LEU G 33 17.66 26.82 5.70
C LEU G 33 18.76 26.01 5.03
N LEU G 34 19.15 26.37 3.82
CA LEU G 34 20.30 25.68 3.23
C LEU G 34 21.57 25.94 4.02
N ARG G 35 21.68 27.10 4.66
CA ARG G 35 22.92 27.43 5.36
C ARG G 35 22.99 26.82 6.76
N LYS G 36 21.86 26.51 7.38
CA LYS G 36 21.89 26.00 8.74
C LYS G 36 21.32 24.61 8.83
N GLY G 37 21.67 23.74 7.89
CA GLY G 37 21.16 22.38 7.89
C GLY G 37 22.28 21.35 7.84
N ASN G 38 23.52 21.82 7.76
CA ASN G 38 24.69 20.96 7.69
C ASN G 38 24.67 20.10 6.42
N TYR G 39 24.51 20.77 5.28
CA TYR G 39 24.56 20.07 4.01
C TYR G 39 25.89 20.24 3.29
N ALA G 40 26.66 21.26 3.62
CA ALA G 40 27.96 21.51 3.01
C ALA G 40 28.69 22.56 3.83
N GLU G 41 29.81 23.02 3.31
CA GLU G 41 30.59 24.07 3.96
C GLU G 41 30.40 25.44 3.31
N ARG G 42 30.07 25.47 2.02
CA ARG G 42 29.88 26.72 1.29
C ARG G 42 28.69 26.57 0.35
N VAL G 43 27.77 27.51 0.42
CA VAL G 43 26.56 27.50 -0.39
C VAL G 43 26.70 28.55 -1.48
N GLY G 44 26.37 28.17 -2.72
CA GLY G 44 26.51 29.09 -3.83
C GLY G 44 25.57 30.26 -3.78
N ALA G 45 25.42 30.97 -4.89
CA ALA G 45 24.57 32.14 -4.95
C ALA G 45 23.34 31.95 -5.82
N GLY G 46 23.35 30.98 -6.72
CA GLY G 46 22.18 30.70 -7.53
C GLY G 46 21.48 29.42 -7.13
N ALA G 47 21.71 28.98 -5.90
CA ALA G 47 21.08 27.76 -5.40
C ALA G 47 19.62 28.00 -5.00
N PRO G 48 19.31 28.97 -4.12
CA PRO G 48 17.90 29.13 -3.74
C PRO G 48 17.01 29.54 -4.91
N VAL G 49 17.53 30.29 -5.88
CA VAL G 49 16.71 30.68 -7.01
C VAL G 49 16.34 29.49 -7.88
N TYR G 50 17.22 28.51 -8.00
CA TYR G 50 16.86 27.28 -8.70
C TYR G 50 16.01 26.37 -7.85
N LEU G 51 16.10 26.48 -6.52
CA LEU G 51 15.35 25.56 -5.69
C LEU G 51 13.91 26.00 -5.44
N ALA G 52 13.63 27.30 -5.41
CA ALA G 52 12.27 27.75 -5.16
C ALA G 52 11.38 27.64 -6.39
N ALA G 53 11.93 27.89 -7.57
CA ALA G 53 11.17 27.76 -8.80
C ALA G 53 10.78 26.33 -9.11
N VAL G 54 11.19 25.37 -8.29
CA VAL G 54 10.77 23.98 -8.47
C VAL G 54 9.72 23.65 -7.42
N LEU G 55 9.89 24.16 -6.21
CA LEU G 55 8.85 24.00 -5.20
C LEU G 55 7.59 24.79 -5.52
N GLU G 56 7.64 25.68 -6.51
CA GLU G 56 6.40 26.36 -6.92
C GLU G 56 5.62 25.56 -7.97
N TYR G 57 6.33 25.00 -8.95
CA TYR G 57 5.69 24.24 -10.00
C TYR G 57 4.97 23.01 -9.44
N LEU G 58 5.59 22.32 -8.48
CA LEU G 58 5.00 21.10 -7.95
C LEU G 58 3.87 21.37 -6.97
N THR G 59 3.55 22.63 -6.70
CA THR G 59 2.36 22.92 -5.91
C THR G 59 1.24 23.42 -6.83
N ALA G 60 1.61 24.18 -7.86
CA ALA G 60 0.65 24.44 -8.92
C ALA G 60 0.08 23.14 -9.46
N GLU G 61 0.94 22.14 -9.68
CA GLU G 61 0.51 20.91 -10.35
C GLU G 61 -0.48 20.11 -9.52
N ILE G 62 -0.53 20.32 -8.21
CA ILE G 62 -1.47 19.59 -7.38
C ILE G 62 -2.74 20.41 -7.14
N LEU G 63 -2.61 21.71 -6.92
CA LEU G 63 -3.81 22.50 -6.69
C LEU G 63 -4.68 22.58 -7.95
N GLU G 64 -4.06 22.55 -9.13
CA GLU G 64 -4.84 22.51 -10.36
C GLU G 64 -5.80 21.32 -10.37
N LEU G 65 -5.26 20.12 -10.19
CA LEU G 65 -6.10 18.93 -10.28
C LEU G 65 -7.07 18.83 -9.11
N ALA G 66 -6.68 19.35 -7.94
CA ALA G 66 -7.62 19.38 -6.82
C ALA G 66 -8.84 20.22 -7.16
N GLY G 67 -8.64 21.38 -7.79
CA GLY G 67 -9.78 22.18 -8.21
C GLY G 67 -10.60 21.51 -9.30
N ASN G 68 -9.92 20.91 -10.28
CA ASN G 68 -10.63 20.28 -11.39
C ASN G 68 -11.46 19.10 -10.92
N ALA G 69 -11.04 18.41 -9.86
CA ALA G 69 -11.84 17.31 -9.32
C ALA G 69 -12.68 17.74 -8.13
N ALA G 70 -12.62 19.01 -7.73
CA ALA G 70 -13.56 19.51 -6.74
C ALA G 70 -14.78 20.16 -7.36
N ARG G 71 -14.66 20.75 -8.56
CA ARG G 71 -15.86 21.34 -9.16
C ARG G 71 -16.80 20.27 -9.69
N ASP G 72 -16.33 19.02 -9.81
CA ASP G 72 -17.15 17.94 -10.31
C ASP G 72 -18.09 17.36 -9.27
N ASN G 73 -18.27 18.05 -8.14
CA ASN G 73 -19.26 17.69 -7.14
C ASN G 73 -20.14 18.87 -6.74
N LYS G 74 -20.07 19.97 -7.49
CA LYS G 74 -20.83 21.18 -7.18
C LYS G 74 -20.48 21.70 -5.78
N LYS G 75 -19.20 21.80 -5.50
CA LYS G 75 -18.70 22.42 -4.29
C LYS G 75 -17.64 23.45 -4.64
N THR G 76 -17.37 24.35 -3.70
CA THR G 76 -16.37 25.40 -3.87
C THR G 76 -15.44 25.45 -2.67
N ARG G 77 -14.95 24.30 -2.24
CA ARG G 77 -14.02 24.22 -1.12
C ARG G 77 -13.30 22.88 -1.13
N ILE G 78 -12.00 22.88 -0.89
CA ILE G 78 -11.18 21.67 -0.98
C ILE G 78 -11.09 21.01 0.38
N ILE G 79 -11.23 19.68 0.42
CA ILE G 79 -11.11 18.91 1.64
C ILE G 79 -10.18 17.73 1.37
N PRO G 80 -9.62 17.08 2.40
CA PRO G 80 -8.58 16.07 2.15
C PRO G 80 -8.95 15.00 1.15
N ARG G 81 -10.23 14.70 0.96
CA ARG G 81 -10.61 13.66 0.02
C ARG G 81 -10.28 14.04 -1.43
N HIS G 82 -10.46 15.31 -1.78
CA HIS G 82 -10.15 15.73 -3.14
C HIS G 82 -8.66 15.60 -3.44
N LEU G 83 -7.80 15.85 -2.44
CA LEU G 83 -6.37 15.73 -2.68
C LEU G 83 -5.99 14.31 -3.06
N GLN G 84 -6.50 13.31 -2.36
CA GLN G 84 -6.18 11.93 -2.72
C GLN G 84 -6.79 11.57 -4.06
N LEU G 85 -8.04 11.96 -4.31
CA LEU G 85 -8.60 11.67 -5.63
C LEU G 85 -7.84 12.36 -6.74
N ALA G 86 -7.08 13.40 -6.43
CA ALA G 86 -6.34 14.11 -7.46
C ALA G 86 -5.02 13.47 -7.79
N VAL G 87 -4.48 12.75 -6.81
CA VAL G 87 -3.12 12.25 -6.85
C VAL G 87 -3.08 10.78 -7.22
N ARG G 88 -4.11 10.04 -6.84
CA ARG G 88 -4.17 8.61 -7.14
C ARG G 88 -4.64 8.33 -8.55
N ASN G 89 -4.68 9.32 -9.43
CA ASN G 89 -5.16 9.12 -10.79
C ASN G 89 -4.18 9.56 -11.86
N ASP G 90 -3.15 10.32 -11.51
CA ASP G 90 -2.10 10.66 -12.45
C ASP G 90 -0.89 9.77 -12.16
N GLU G 91 -0.44 9.06 -13.19
CA GLU G 91 0.54 7.99 -13.00
C GLU G 91 1.96 8.50 -12.85
N GLU G 92 2.15 9.80 -12.62
CA GLU G 92 3.46 10.32 -12.27
C GLU G 92 3.51 10.85 -10.86
N LEU G 93 2.50 11.61 -10.43
CA LEU G 93 2.37 11.93 -9.02
C LEU G 93 2.17 10.67 -8.19
N ASN G 94 1.47 9.67 -8.73
CA ASN G 94 1.32 8.42 -7.99
C ASN G 94 2.64 7.69 -7.83
N LYS G 95 3.57 7.84 -8.77
CA LYS G 95 4.87 7.18 -8.64
C LYS G 95 5.83 7.98 -7.76
N LEU G 96 5.78 9.31 -7.85
CA LEU G 96 6.59 10.14 -6.95
C LEU G 96 6.10 10.09 -5.52
N LEU G 97 4.84 9.69 -5.31
CA LEU G 97 4.30 9.66 -3.95
C LEU G 97 3.85 8.26 -3.58
N GLY G 98 4.71 7.26 -3.84
CA GLY G 98 4.29 5.88 -3.64
C GLY G 98 3.99 5.53 -2.20
N ARG G 99 5.00 5.51 -1.34
CA ARG G 99 4.79 5.10 0.06
C ARG G 99 4.44 6.26 0.99
N VAL G 100 3.26 6.81 0.81
CA VAL G 100 2.76 7.97 1.57
C VAL G 100 1.30 7.75 1.90
N THR G 101 0.93 7.99 3.16
CA THR G 101 -0.42 7.81 3.64
C THR G 101 -1.02 9.13 4.05
N ILE G 102 -2.13 9.50 3.42
CA ILE G 102 -2.81 10.76 3.65
C ILE G 102 -3.96 10.51 4.60
N ALA G 103 -4.08 11.35 5.62
CA ALA G 103 -5.09 11.12 6.65
C ALA G 103 -6.47 11.50 6.13
N GLN G 104 -7.48 10.75 6.55
CA GLN G 104 -8.88 11.00 6.19
C GLN G 104 -9.06 11.04 4.67
N GLY G 105 -8.52 10.02 4.00
CA GLY G 105 -8.51 10.03 2.55
C GLY G 105 -9.36 8.98 1.90
N GLY G 106 -9.56 7.83 2.55
CA GLY G 106 -10.32 6.75 1.96
C GLY G 106 -9.63 6.10 0.78
N VAL G 107 -10.32 5.20 0.09
CA VAL G 107 -9.75 4.40 -0.98
C VAL G 107 -10.41 4.82 -2.29
N LEU G 108 -9.90 4.30 -3.40
CA LEU G 108 -10.48 4.51 -4.71
C LEU G 108 -11.62 3.54 -4.94
N PRO G 109 -12.58 3.84 -5.81
CA PRO G 109 -13.70 2.92 -6.04
C PRO G 109 -13.32 1.87 -7.07
N ASN G 110 -13.43 0.60 -6.69
CA ASN G 110 -13.19 -0.49 -7.64
C ASN G 110 -13.69 -1.80 -7.06
N ILE G 111 -14.37 -2.59 -7.89
CA ILE G 111 -14.74 -3.97 -7.58
C ILE G 111 -14.20 -4.86 -8.69
N GLN G 112 -13.83 -6.09 -8.34
CA GLN G 112 -13.23 -6.99 -9.30
C GLN G 112 -14.21 -7.33 -10.40
N SER G 113 -13.73 -8.05 -11.42
CA SER G 113 -14.56 -8.39 -12.57
C SER G 113 -15.25 -9.75 -12.52
N VAL G 114 -14.92 -10.57 -11.55
CA VAL G 114 -15.55 -11.88 -11.46
C VAL G 114 -16.56 -11.96 -10.33
N LEU G 115 -16.62 -10.96 -9.46
CA LEU G 115 -17.56 -10.95 -8.35
C LEU G 115 -18.90 -10.34 -8.72
N LEU G 116 -19.01 -9.72 -9.90
CA LEU G 116 -20.30 -9.23 -10.37
C LEU G 116 -21.21 -10.41 -10.68
N PRO G 117 -22.41 -10.44 -10.07
CA PRO G 117 -23.37 -11.52 -10.29
C PRO G 117 -23.64 -11.73 -11.77
N LYS G 118 -23.64 -12.99 -12.21
CA LYS G 118 -23.86 -13.32 -13.60
C LYS G 118 -25.31 -13.72 -13.89
N LYS G 119 -25.70 -13.66 -15.16
CA LYS G 119 -27.04 -14.02 -15.57
C LYS G 119 -27.31 -15.51 -15.39
N LYS H 25 -1.26 35.10 29.32
CA LYS H 25 -0.51 34.85 28.10
C LYS H 25 0.79 35.63 28.07
N ARG H 26 1.90 34.89 27.97
CA ARG H 26 3.23 35.47 27.89
C ARG H 26 3.58 35.90 26.47
N ARG H 27 2.60 35.99 25.57
CA ARG H 27 2.83 36.32 24.17
C ARG H 27 3.77 35.29 23.54
N LYS H 28 3.25 34.06 23.44
CA LYS H 28 4.01 32.87 23.08
C LYS H 28 4.91 33.05 21.86
N THR H 29 5.98 32.26 21.78
CA THR H 29 6.91 32.35 20.68
C THR H 29 6.20 32.11 19.34
N ARG H 30 6.87 32.51 18.26
CA ARG H 30 6.25 32.49 16.94
C ARG H 30 6.51 31.16 16.25
N LYS H 31 5.70 30.89 15.23
CA LYS H 31 5.78 29.64 14.47
C LYS H 31 5.65 29.96 13.00
N GLU H 32 6.56 29.42 12.19
CA GLU H 32 6.64 29.77 10.78
C GLU H 32 6.20 28.60 9.90
N SER H 33 5.61 28.94 8.76
CA SER H 33 5.08 27.94 7.85
C SER H 33 4.89 28.55 6.47
N TYR H 34 4.38 27.74 5.54
CA TYR H 34 4.19 28.13 4.16
C TYR H 34 2.74 28.51 3.86
N ALA H 35 2.00 28.94 4.88
CA ALA H 35 0.55 29.08 4.80
C ALA H 35 0.11 30.32 4.04
N ILE H 36 0.98 31.29 3.81
CA ILE H 36 0.62 32.47 3.03
C ILE H 36 1.28 32.50 1.67
N TYR H 37 1.99 31.44 1.29
CA TYR H 37 2.43 31.28 -0.09
C TYR H 37 1.62 30.19 -0.78
N VAL H 38 1.29 29.12 -0.05
CA VAL H 38 0.37 28.14 -0.60
C VAL H 38 -0.93 28.81 -1.00
N TYR H 39 -1.40 29.76 -0.20
CA TYR H 39 -2.65 30.45 -0.49
C TYR H 39 -2.52 31.43 -1.64
N LYS H 40 -1.36 32.03 -1.86
CA LYS H 40 -1.17 32.89 -3.02
C LYS H 40 -1.15 32.12 -4.31
N VAL H 41 -0.41 31.01 -4.37
CA VAL H 41 -0.35 30.25 -5.62
C VAL H 41 -1.70 29.66 -6.00
N LEU H 42 -2.68 29.71 -5.10
CA LEU H 42 -4.01 29.19 -5.42
C LEU H 42 -4.81 30.14 -6.30
N LYS H 43 -4.78 31.44 -5.99
CA LYS H 43 -5.60 32.43 -6.67
C LYS H 43 -5.17 32.70 -8.10
N GLN H 44 -3.98 32.28 -8.51
CA GLN H 44 -3.57 32.45 -9.89
C GLN H 44 -4.01 31.29 -10.75
N VAL H 45 -4.59 30.26 -10.15
CA VAL H 45 -5.08 29.12 -10.92
C VAL H 45 -6.58 28.97 -10.80
N HIS H 46 -7.14 29.19 -9.60
CA HIS H 46 -8.59 29.12 -9.39
C HIS H 46 -9.05 30.33 -8.59
N PRO H 47 -9.53 31.37 -9.27
CA PRO H 47 -9.82 32.62 -8.56
C PRO H 47 -11.10 32.60 -7.75
N ASP H 48 -11.67 31.43 -7.50
CA ASP H 48 -12.95 31.36 -6.80
C ASP H 48 -12.97 30.41 -5.60
N THR H 49 -12.13 29.39 -5.57
CA THR H 49 -12.24 28.35 -4.55
C THR H 49 -11.52 28.75 -3.28
N GLY H 50 -11.83 28.02 -2.19
CA GLY H 50 -11.16 28.18 -0.92
C GLY H 50 -10.53 26.87 -0.47
N ILE H 51 -9.87 26.93 0.68
CA ILE H 51 -9.16 25.78 1.22
C ILE H 51 -9.43 25.67 2.70
N SER H 52 -9.35 24.45 3.22
CA SER H 52 -9.74 24.16 4.59
C SER H 52 -8.52 24.05 5.50
N SER H 53 -8.77 24.30 6.79
CA SER H 53 -7.70 24.27 7.77
C SER H 53 -7.04 22.89 7.85
N LYS H 54 -7.78 21.83 7.58
CA LYS H 54 -7.23 20.49 7.65
C LYS H 54 -6.61 20.04 6.33
N ALA H 55 -6.94 20.69 5.23
CA ALA H 55 -6.23 20.44 3.98
C ALA H 55 -5.16 21.47 3.69
N MET H 56 -4.82 22.32 4.67
CA MET H 56 -3.63 23.15 4.54
C MET H 56 -2.39 22.44 5.08
N SER H 57 -2.52 21.79 6.23
CA SER H 57 -1.38 21.14 6.86
C SER H 57 -0.80 20.04 6.00
N ILE H 58 -1.63 19.42 5.15
CA ILE H 58 -1.12 18.39 4.26
C ILE H 58 -0.15 18.99 3.24
N MET H 59 -0.51 20.12 2.64
CA MET H 59 0.41 20.75 1.72
C MET H 59 1.65 21.28 2.42
N ASN H 60 1.48 21.73 3.67
CA ASN H 60 2.62 22.15 4.47
C ASN H 60 3.64 21.01 4.61
N SER H 61 3.18 19.84 5.06
CA SER H 61 4.07 18.70 5.17
C SER H 61 4.61 18.28 3.81
N PHE H 62 3.81 18.44 2.75
CA PHE H 62 4.27 18.08 1.42
C PHE H 62 5.52 18.87 1.05
N VAL H 63 5.49 20.18 1.23
CA VAL H 63 6.65 20.97 0.85
C VAL H 63 7.83 20.68 1.78
N ASN H 64 7.58 20.63 3.09
CA ASN H 64 8.65 20.32 4.03
C ASN H 64 9.15 18.89 3.89
N ASP H 65 8.56 18.10 3.01
CA ASP H 65 9.08 16.76 2.73
C ASP H 65 9.77 16.66 1.39
N VAL H 66 9.35 17.42 0.39
CA VAL H 66 10.06 17.42 -0.88
C VAL H 66 11.30 18.30 -0.83
N PHE H 67 11.45 19.13 0.19
CA PHE H 67 12.68 19.92 0.30
C PHE H 67 13.89 19.05 0.61
N GLU H 68 13.76 18.13 1.59
CA GLU H 68 14.91 17.36 2.05
C GLU H 68 15.48 16.45 0.98
N ARG H 69 14.64 15.80 0.19
CA ARG H 69 15.17 14.90 -0.82
C ARG H 69 16.11 15.64 -1.75
N ILE H 70 15.66 16.76 -2.31
CA ILE H 70 16.45 17.48 -3.29
C ILE H 70 17.67 18.12 -2.65
N ALA H 71 17.60 18.47 -1.36
CA ALA H 71 18.80 19.01 -0.74
C ALA H 71 19.82 17.91 -0.47
N GLY H 72 19.38 16.83 0.18
CA GLY H 72 20.30 15.77 0.55
C GLY H 72 20.97 15.09 -0.61
N GLU H 73 20.26 14.93 -1.72
CA GLU H 73 20.87 14.25 -2.86
C GLU H 73 22.05 15.06 -3.42
N ALA H 74 21.88 16.38 -3.55
CA ALA H 74 23.00 17.21 -3.96
C ALA H 74 24.07 17.26 -2.89
N SER H 75 23.70 17.08 -1.62
CA SER H 75 24.70 17.09 -0.56
C SER H 75 25.62 15.88 -0.63
N ARG H 76 25.32 14.90 -1.48
CA ARG H 76 26.21 13.76 -1.69
C ARG H 76 26.84 13.76 -3.07
N LEU H 77 26.13 14.30 -4.07
CA LEU H 77 26.82 14.60 -5.32
C LEU H 77 28.01 15.52 -5.09
N ALA H 78 27.86 16.49 -4.20
CA ALA H 78 28.96 17.41 -3.93
C ALA H 78 30.04 16.79 -3.06
N HIS H 79 29.90 15.52 -2.71
CA HIS H 79 30.90 14.87 -1.85
C HIS H 79 31.61 13.75 -2.58
N TYR H 80 30.92 13.07 -3.50
CA TYR H 80 31.58 12.03 -4.28
C TYR H 80 32.71 12.59 -5.13
N ASN H 81 32.70 13.89 -5.41
CA ASN H 81 33.65 14.50 -6.33
C ASN H 81 34.66 15.41 -5.65
N LYS H 82 34.76 15.36 -4.32
CA LYS H 82 35.72 16.16 -3.57
C LYS H 82 35.53 17.65 -3.83
N ARG H 83 34.36 18.17 -3.45
CA ARG H 83 34.09 19.61 -3.49
C ARG H 83 33.39 20.00 -2.21
N SER H 84 33.20 21.31 -2.02
CA SER H 84 32.51 21.82 -0.85
C SER H 84 31.57 22.98 -1.19
N THR H 85 31.01 22.99 -2.39
CA THR H 85 30.10 24.05 -2.80
C THR H 85 28.87 23.45 -3.45
N ILE H 86 27.70 23.95 -3.08
CA ILE H 86 26.44 23.55 -3.69
C ILE H 86 26.09 24.60 -4.74
N THR H 87 26.47 24.35 -5.99
CA THR H 87 26.25 25.33 -7.04
C THR H 87 24.82 25.21 -7.57
N SER H 88 24.55 25.95 -8.64
CA SER H 88 23.30 25.83 -9.37
C SER H 88 23.36 24.72 -10.41
N ARG H 89 24.29 23.80 -10.27
CA ARG H 89 24.42 22.66 -11.17
C ARG H 89 24.10 21.34 -10.50
N GLU H 90 24.31 21.24 -9.19
CA GLU H 90 23.88 20.06 -8.45
C GLU H 90 22.37 19.94 -8.41
N ILE H 91 21.67 21.06 -8.32
CA ILE H 91 20.22 21.01 -8.26
C ILE H 91 19.65 20.60 -9.61
N GLN H 92 20.42 20.79 -10.69
CA GLN H 92 19.93 20.38 -12.00
C GLN H 92 20.13 18.90 -12.25
N THR H 93 20.86 18.21 -11.39
CA THR H 93 21.01 16.76 -11.51
C THR H 93 20.19 16.03 -10.45
N ALA H 94 20.06 16.61 -9.26
CA ALA H 94 19.19 16.01 -8.26
C ALA H 94 17.77 15.88 -8.79
N VAL H 95 17.31 16.88 -9.54
CA VAL H 95 15.98 16.81 -10.15
C VAL H 95 15.92 15.70 -11.18
N ARG H 96 16.94 15.62 -12.04
CA ARG H 96 16.94 14.59 -13.08
C ARG H 96 17.01 13.19 -12.51
N LEU H 97 17.43 13.05 -11.25
CA LEU H 97 17.40 11.74 -10.61
C LEU H 97 16.11 11.49 -9.83
N LEU H 98 15.51 12.55 -9.26
CA LEU H 98 14.36 12.34 -8.40
C LEU H 98 13.05 12.26 -9.16
N LEU H 99 12.88 13.07 -10.20
CA LEU H 99 11.53 13.18 -10.73
C LEU H 99 11.31 12.25 -11.92
N PRO H 100 10.07 11.79 -12.13
CA PRO H 100 9.78 10.88 -13.24
C PRO H 100 9.81 11.52 -14.61
N GLY H 101 9.40 10.75 -15.62
CA GLY H 101 9.60 11.06 -17.02
C GLY H 101 9.26 12.44 -17.51
N GLU H 102 7.97 12.80 -17.52
CA GLU H 102 7.58 14.10 -18.04
C GLU H 102 7.64 15.20 -16.98
N LEU H 103 7.62 14.84 -15.70
CA LEU H 103 7.75 15.86 -14.67
C LEU H 103 9.16 16.47 -14.68
N ALA H 104 10.18 15.64 -14.83
CA ALA H 104 11.55 16.14 -14.77
C ALA H 104 11.98 16.87 -16.02
N LYS H 105 11.05 17.22 -16.90
CA LYS H 105 11.38 17.92 -18.12
C LYS H 105 10.85 19.34 -18.17
N HIS H 106 9.90 19.69 -17.32
CA HIS H 106 9.42 21.06 -17.22
C HIS H 106 10.05 21.82 -16.06
N ALA H 107 10.34 21.14 -14.95
CA ALA H 107 10.98 21.80 -13.83
C ALA H 107 12.36 22.33 -14.22
N VAL H 108 13.07 21.59 -15.07
CA VAL H 108 14.36 22.05 -15.56
C VAL H 108 14.21 23.39 -16.29
N SER H 109 13.22 23.51 -17.16
CA SER H 109 13.01 24.76 -17.88
C SER H 109 12.61 25.88 -16.94
N GLU H 110 11.72 25.60 -15.98
CA GLU H 110 11.34 26.59 -14.99
C GLU H 110 12.57 27.16 -14.29
N GLY H 111 13.43 26.27 -13.80
CA GLY H 111 14.64 26.72 -13.14
C GLY H 111 15.57 27.51 -14.03
N THR H 112 15.91 26.97 -15.21
CA THR H 112 16.86 27.65 -16.06
C THR H 112 16.32 28.95 -16.63
N LYS H 113 15.02 29.20 -16.53
CA LYS H 113 14.48 30.49 -16.94
C LYS H 113 14.43 31.49 -15.78
N ALA H 114 14.03 31.05 -14.58
CA ALA H 114 13.96 32.00 -13.48
C ALA H 114 15.31 32.36 -12.91
N VAL H 115 16.41 31.87 -13.47
CA VAL H 115 17.73 32.36 -13.12
C VAL H 115 18.29 33.29 -14.19
N THR H 116 18.01 33.04 -15.47
CA THR H 116 18.36 34.00 -16.50
C THR H 116 17.58 35.30 -16.30
N LYS H 117 16.36 35.20 -15.80
CA LYS H 117 15.61 36.42 -15.50
C LYS H 117 16.18 37.19 -14.33
N TYR H 118 16.99 36.57 -13.48
CA TYR H 118 17.55 37.18 -12.29
C TYR H 118 18.97 37.67 -12.48
N THR H 119 19.74 37.04 -13.36
CA THR H 119 21.13 37.40 -13.51
C THR H 119 21.32 38.72 -14.26
N SER H 120 20.31 39.20 -14.97
CA SER H 120 20.41 40.44 -15.73
C SER H 120 19.92 41.63 -14.92
N ALA H 121 18.68 41.60 -14.48
CA ALA H 121 18.10 42.70 -13.71
C ALA H 121 18.77 42.81 -12.35
N LYS K 327 -69.51 -8.41 -8.58
CA LYS K 327 -69.69 -7.03 -8.13
C LYS K 327 -68.64 -6.67 -7.07
N PRO K 328 -67.71 -5.80 -7.45
CA PRO K 328 -66.67 -5.39 -6.50
C PRO K 328 -67.26 -4.55 -5.38
N PRO K 329 -66.82 -4.77 -4.14
CA PRO K 329 -67.27 -3.95 -3.03
C PRO K 329 -66.58 -2.60 -3.03
N PRO K 330 -67.06 -1.62 -2.25
CA PRO K 330 -66.43 -0.29 -2.25
C PRO K 330 -65.03 -0.27 -1.67
N TYR K 331 -64.03 0.00 -2.51
CA TYR K 331 -62.65 0.13 -2.07
C TYR K 331 -62.11 1.45 -2.60
N LYS K 332 -61.42 2.18 -1.73
CA LYS K 332 -60.82 3.46 -2.07
C LYS K 332 -59.56 3.27 -2.90
N HIS K 333 -59.33 4.18 -3.84
CA HIS K 333 -58.16 4.12 -4.71
C HIS K 333 -57.15 5.19 -4.29
N ILE K 334 -55.87 4.90 -4.49
CA ILE K 334 -54.79 5.83 -4.16
C ILE K 334 -53.58 5.46 -5.00
N LYS K 335 -52.83 6.46 -5.49
CA LYS K 335 -51.62 6.21 -6.28
C LYS K 335 -50.39 5.68 -5.52
N VAL K 336 -49.95 6.37 -4.47
CA VAL K 336 -48.75 5.93 -3.75
C VAL K 336 -49.11 5.70 -2.29
N ASN K 337 -48.12 5.25 -1.50
CA ASN K 337 -48.36 4.92 -0.11
C ASN K 337 -48.78 6.14 0.68
N LYS K 338 -49.06 5.90 1.94
CA LYS K 338 -49.40 6.95 2.83
C LYS K 338 -49.35 6.43 4.22
N PRO K 339 -48.86 7.27 5.14
CA PRO K 339 -48.96 6.97 6.57
C PRO K 339 -50.39 7.12 7.06
N TYR K 340 -50.64 6.58 8.25
CA TYR K 340 -51.98 6.53 8.81
C TYR K 340 -51.94 6.93 10.27
N GLY K 341 -51.20 7.99 10.58
CA GLY K 341 -51.10 8.48 11.93
C GLY K 341 -49.68 8.81 12.34
N LYS K 342 -49.20 8.15 13.39
CA LYS K 342 -47.84 8.36 13.89
C LYS K 342 -46.83 7.97 12.82
N VAL K 343 -47.21 7.05 11.94
CA VAL K 343 -46.34 6.58 10.88
C VAL K 343 -45.92 7.70 9.93
N GLN K 344 -44.66 7.69 9.53
CA GLN K 344 -44.11 8.71 8.64
C GLN K 344 -43.02 8.14 7.73
N ILE K 345 -43.04 8.55 6.46
CA ILE K 345 -42.05 8.08 5.50
C ILE K 345 -40.87 9.05 5.43
N TYR K 346 -39.72 8.54 5.00
CA TYR K 346 -38.51 9.36 4.91
C TYR K 346 -37.96 9.41 3.49
N THR K 347 -37.83 10.62 2.96
CA THR K 347 -37.32 10.82 1.61
C THR K 347 -35.80 10.87 1.58
N ALA K 348 -35.24 11.12 0.39
CA ALA K 348 -33.80 11.20 0.23
C ALA K 348 -33.40 12.29 -0.76
N ASP K 349 -32.44 13.11 -0.37
CA ASP K 349 -31.96 14.19 -1.21
C ASP K 349 -30.91 13.69 -2.18
N ILE K 350 -30.52 14.55 -3.12
CA ILE K 350 -29.40 14.24 -4.02
C ILE K 350 -28.15 14.75 -3.32
N SER K 351 -27.68 13.97 -2.36
CA SER K 351 -26.35 14.11 -1.79
C SER K 351 -25.64 12.79 -1.57
N GLU K 352 -26.37 11.68 -1.44
CA GLU K 352 -25.77 10.36 -1.25
C GLU K 352 -26.51 9.28 -2.04
N ILE K 353 -27.42 9.66 -2.93
CA ILE K 353 -28.13 8.68 -3.75
C ILE K 353 -27.13 7.93 -4.63
N PRO K 354 -27.18 6.60 -4.68
CA PRO K 354 -26.12 5.85 -5.37
C PRO K 354 -26.09 6.13 -6.86
N LYS K 355 -24.93 6.52 -7.35
CA LYS K 355 -24.75 6.81 -8.77
C LYS K 355 -24.64 5.52 -9.56
N CYS K 356 -25.13 5.57 -10.80
CA CYS K 356 -24.94 4.48 -11.75
C CYS K 356 -23.54 4.60 -12.38
N ASN K 357 -23.26 3.77 -13.37
CA ASN K 357 -22.00 3.87 -14.09
C ASN K 357 -22.16 3.72 -15.60
N CYS K 358 -23.37 3.41 -16.09
CA CYS K 358 -23.59 3.28 -17.52
C CYS K 358 -23.52 4.65 -18.19
N LYS K 359 -23.71 4.65 -19.51
CA LYS K 359 -23.62 5.88 -20.28
C LYS K 359 -24.71 5.87 -21.36
N PRO K 360 -25.19 7.05 -21.77
CA PRO K 360 -26.19 7.11 -22.85
C PRO K 360 -25.58 6.74 -24.20
N THR K 361 -25.37 5.45 -24.43
CA THR K 361 -24.62 4.97 -25.59
C THR K 361 -25.51 4.27 -26.61
N ASP K 362 -26.26 3.26 -26.18
CA ASP K 362 -26.91 2.35 -27.13
C ASP K 362 -28.40 2.18 -26.83
N GLU K 363 -29.00 1.17 -27.48
CA GLU K 363 -30.44 0.96 -27.44
C GLU K 363 -31.00 0.99 -26.03
N ASN K 364 -30.26 0.45 -25.06
CA ASN K 364 -30.75 0.27 -23.70
C ASN K 364 -29.84 1.00 -22.72
N PRO K 365 -29.96 2.33 -22.62
CA PRO K 365 -29.20 3.06 -21.61
C PRO K 365 -29.73 2.75 -20.21
N CYS K 366 -28.90 2.10 -19.40
CA CYS K 366 -29.33 1.56 -18.12
C CYS K 366 -30.54 0.65 -18.30
N GLY K 367 -30.50 -0.14 -19.37
CA GLY K 367 -31.63 -0.98 -19.73
C GLY K 367 -31.77 -2.22 -18.88
N PHE K 368 -32.40 -3.26 -19.44
CA PHE K 368 -32.60 -4.51 -18.71
C PHE K 368 -31.48 -5.52 -18.99
N ASP K 369 -31.17 -5.72 -20.26
CA ASP K 369 -30.13 -6.65 -20.67
C ASP K 369 -28.75 -6.06 -20.38
N SER K 370 -28.46 -4.91 -20.98
CA SER K 370 -27.20 -4.23 -20.71
C SER K 370 -27.06 -4.01 -19.20
N GLU K 371 -25.92 -4.43 -18.66
CA GLU K 371 -25.73 -4.44 -17.21
C GLU K 371 -25.89 -3.04 -16.63
N CYS K 372 -26.38 -2.98 -15.40
CA CYS K 372 -26.48 -1.72 -14.66
C CYS K 372 -26.32 -2.03 -13.19
N LEU K 373 -25.35 -1.33 -12.56
CA LEU K 373 -25.06 -1.53 -11.16
C LEU K 373 -26.22 -1.14 -10.25
N ASN K 374 -27.31 -0.63 -10.80
CA ASN K 374 -28.50 -0.41 -10.01
C ASN K 374 -29.59 -1.42 -10.30
N ARG K 375 -29.67 -1.90 -11.54
CA ARG K 375 -30.55 -3.03 -11.84
C ARG K 375 -30.13 -4.26 -11.06
N MET K 376 -28.83 -4.48 -10.92
CA MET K 376 -28.36 -5.68 -10.23
C MET K 376 -28.69 -5.62 -8.74
N LEU K 377 -28.26 -4.55 -8.06
CA LEU K 377 -28.33 -4.47 -6.61
C LEU K 377 -29.68 -3.96 -6.09
N MET K 378 -30.72 -4.00 -6.91
CA MET K 378 -32.08 -3.65 -6.48
C MET K 378 -32.17 -2.20 -6.00
N PHE K 379 -31.63 -1.30 -6.81
CA PHE K 379 -31.84 0.14 -6.66
C PHE K 379 -32.52 0.66 -7.92
N GLU K 380 -33.54 1.49 -7.75
CA GLU K 380 -34.19 2.14 -8.89
C GLU K 380 -33.58 3.53 -9.04
N CYS K 381 -33.07 3.82 -10.25
CA CYS K 381 -32.37 5.07 -10.49
C CYS K 381 -33.27 6.26 -10.20
N HIS K 382 -32.63 7.41 -10.04
CA HIS K 382 -33.29 8.69 -9.87
C HIS K 382 -33.20 9.48 -11.17
N PRO K 383 -34.24 10.20 -11.56
CA PRO K 383 -34.28 10.79 -12.91
C PRO K 383 -33.20 11.84 -13.17
N GLN K 384 -32.43 12.18 -12.15
CA GLN K 384 -31.41 13.23 -12.27
C GLN K 384 -29.99 12.74 -12.02
N VAL K 385 -29.77 11.82 -11.07
CA VAL K 385 -28.41 11.38 -10.80
C VAL K 385 -27.82 10.61 -11.96
N CYS K 386 -28.65 10.09 -12.85
CA CYS K 386 -28.15 9.31 -13.97
C CYS K 386 -27.34 10.22 -14.92
N PRO K 387 -26.18 9.76 -15.39
CA PRO K 387 -25.45 10.55 -16.37
C PRO K 387 -26.17 10.67 -17.70
N ALA K 388 -26.95 9.66 -18.07
CA ALA K 388 -27.74 9.75 -19.29
C ALA K 388 -28.82 10.81 -19.17
N GLY K 389 -29.48 10.89 -18.02
CA GLY K 389 -30.51 11.88 -17.80
C GLY K 389 -31.91 11.39 -18.13
N GLU K 390 -32.42 11.75 -19.30
CA GLU K 390 -33.73 11.30 -19.75
C GLU K 390 -33.61 10.05 -20.63
N PHE K 391 -32.90 9.04 -20.13
CA PHE K 391 -32.80 7.79 -20.86
C PHE K 391 -32.88 6.54 -20.00
N CYS K 392 -32.77 6.64 -18.68
CA CYS K 392 -32.70 5.46 -17.83
C CYS K 392 -34.07 4.80 -17.77
N GLN K 393 -34.21 3.66 -18.44
CA GLN K 393 -35.46 2.90 -18.39
C GLN K 393 -35.77 2.36 -16.99
N ASN K 394 -34.79 2.38 -16.08
CA ASN K 394 -35.01 1.94 -14.71
C ASN K 394 -35.62 3.08 -13.89
N GLN K 395 -36.75 3.59 -14.36
CA GLN K 395 -37.58 4.52 -13.61
C GLN K 395 -39.00 3.98 -13.75
N CYS K 396 -39.36 3.04 -12.88
CA CYS K 396 -40.59 2.28 -13.05
C CYS K 396 -41.62 2.55 -11.95
N PHE K 397 -41.20 2.52 -10.70
CA PHE K 397 -42.10 2.74 -9.56
C PHE K 397 -42.62 4.17 -9.55
N THR K 398 -42.16 4.99 -10.50
CA THR K 398 -42.65 6.34 -10.70
C THR K 398 -43.38 6.53 -12.01
N LYS K 399 -42.86 5.98 -13.10
CA LYS K 399 -43.55 6.10 -14.39
C LYS K 399 -44.83 5.27 -14.44
N ARG K 400 -44.97 4.27 -13.58
CA ARG K 400 -46.21 3.53 -13.42
C ARG K 400 -46.63 2.86 -14.73
N GLN K 401 -45.78 1.93 -15.18
CA GLN K 401 -46.03 1.18 -16.41
C GLN K 401 -46.79 -0.09 -16.06
N TYR K 402 -48.01 -0.23 -16.58
CA TYR K 402 -48.80 -1.41 -16.29
C TYR K 402 -49.53 -1.89 -17.53
N PRO K 403 -50.15 -3.07 -17.48
CA PRO K 403 -51.22 -3.40 -18.44
C PRO K 403 -52.56 -2.91 -17.92
N GLU K 404 -53.65 -3.19 -18.66
CA GLU K 404 -54.98 -2.81 -18.23
C GLU K 404 -55.69 -3.94 -17.48
N THR K 405 -55.79 -5.12 -18.09
CA THR K 405 -56.25 -6.34 -17.42
C THR K 405 -57.57 -6.12 -16.69
N LYS K 406 -58.61 -5.93 -17.49
CA LYS K 406 -59.97 -5.76 -17.00
C LYS K 406 -60.33 -6.86 -16.00
N ILE K 407 -61.20 -6.51 -15.05
CA ILE K 407 -61.53 -7.41 -13.94
C ILE K 407 -62.19 -8.68 -14.44
N ILE K 408 -61.52 -9.81 -14.23
CA ILE K 408 -62.06 -11.11 -14.56
C ILE K 408 -62.60 -11.74 -13.26
N LYS K 409 -63.41 -12.78 -13.42
CA LYS K 409 -63.99 -13.53 -12.30
C LYS K 409 -63.42 -14.94 -12.26
N THR K 410 -63.03 -15.40 -11.08
CA THR K 410 -62.58 -16.76 -10.88
C THR K 410 -63.67 -17.58 -10.20
N ASP K 411 -63.32 -18.81 -9.82
CA ASP K 411 -64.21 -19.69 -9.07
C ASP K 411 -63.61 -19.96 -7.69
N GLY K 412 -64.48 -20.15 -6.70
CA GLY K 412 -64.06 -20.52 -5.36
C GLY K 412 -63.33 -19.46 -4.58
N LYS K 413 -62.88 -18.38 -5.21
CA LYS K 413 -62.18 -17.31 -4.53
C LYS K 413 -62.89 -15.97 -4.67
N GLY K 414 -63.32 -15.61 -5.88
CA GLY K 414 -63.83 -14.28 -6.12
C GLY K 414 -63.64 -13.81 -7.55
N TRP K 415 -62.96 -12.69 -7.73
CA TRP K 415 -62.75 -12.10 -9.05
C TRP K 415 -61.29 -12.21 -9.48
N GLY K 416 -60.70 -13.40 -9.35
CA GLY K 416 -59.39 -13.67 -9.90
C GLY K 416 -59.28 -13.19 -11.33
N LEU K 417 -58.15 -12.60 -11.69
CA LEU K 417 -58.05 -11.80 -12.89
C LEU K 417 -57.14 -12.44 -13.93
N VAL K 418 -57.40 -12.13 -15.20
CA VAL K 418 -56.66 -12.68 -16.34
C VAL K 418 -56.07 -11.52 -17.13
N ALA K 419 -54.81 -11.67 -17.54
CA ALA K 419 -54.13 -10.64 -18.31
C ALA K 419 -54.65 -10.60 -19.74
N LYS K 420 -54.36 -9.49 -20.42
CA LYS K 420 -54.67 -9.33 -21.84
C LYS K 420 -53.49 -8.68 -22.57
N ARG K 421 -52.30 -9.18 -22.32
CA ARG K 421 -51.12 -8.82 -23.11
C ARG K 421 -50.35 -10.11 -23.40
N ASP K 422 -49.13 -9.97 -23.90
CA ASP K 422 -48.24 -11.10 -24.16
C ASP K 422 -46.87 -10.82 -23.54
N ILE K 423 -46.89 -10.42 -22.27
CA ILE K 423 -45.69 -9.88 -21.64
C ILE K 423 -44.56 -10.91 -21.64
N ARG K 424 -43.34 -10.41 -21.83
CA ARG K 424 -42.14 -11.23 -21.76
C ARG K 424 -41.77 -11.49 -20.29
N LYS K 425 -40.60 -12.08 -20.09
CA LYS K 425 -40.10 -12.27 -18.74
C LYS K 425 -39.41 -10.99 -18.26
N GLY K 426 -39.20 -10.91 -16.94
CA GLY K 426 -38.60 -9.73 -16.34
C GLY K 426 -39.40 -8.47 -16.53
N GLU K 427 -40.73 -8.56 -16.48
CA GLU K 427 -41.60 -7.42 -16.66
C GLU K 427 -42.26 -7.04 -15.34
N PHE K 428 -42.67 -5.78 -15.25
CA PHE K 428 -43.25 -5.23 -14.04
C PHE K 428 -44.75 -5.47 -14.00
N VAL K 429 -45.25 -5.77 -12.80
CA VAL K 429 -46.67 -5.88 -12.53
C VAL K 429 -46.97 -4.91 -11.37
N ASN K 430 -48.27 -4.67 -11.14
CA ASN K 430 -48.69 -3.63 -10.22
C ASN K 430 -47.97 -3.73 -8.88
N GLU K 431 -47.75 -2.57 -8.27
CA GLU K 431 -47.07 -2.47 -6.99
C GLU K 431 -48.07 -2.53 -5.86
N TYR K 432 -47.70 -3.22 -4.78
CA TYR K 432 -48.60 -3.39 -3.64
C TYR K 432 -48.52 -2.16 -2.75
N VAL K 433 -49.53 -1.31 -2.83
CA VAL K 433 -49.61 -0.08 -2.06
C VAL K 433 -50.88 -0.10 -1.23
N GLY K 434 -50.76 0.27 0.04
CA GLY K 434 -51.89 0.28 0.95
C GLY K 434 -51.67 1.25 2.08
N GLU K 435 -52.04 0.82 3.29
CA GLU K 435 -51.97 1.65 4.49
C GLU K 435 -50.88 1.10 5.42
N LEU K 436 -50.00 1.99 5.88
CA LEU K 436 -48.80 1.59 6.62
C LEU K 436 -49.04 1.83 8.11
N ILE K 437 -48.85 0.78 8.92
CA ILE K 437 -49.30 0.78 10.30
C ILE K 437 -48.27 0.07 11.17
N ASP K 438 -48.09 0.56 12.40
CA ASP K 438 -47.17 -0.02 13.37
C ASP K 438 -47.61 -1.43 13.76
N LYS K 439 -46.63 -2.28 14.09
CA LYS K 439 -46.92 -3.65 14.49
C LYS K 439 -47.91 -3.70 15.65
N GLU K 440 -47.67 -2.87 16.66
CA GLU K 440 -48.56 -2.83 17.82
C GLU K 440 -49.94 -2.32 17.40
N GLU K 441 -49.95 -1.32 16.53
CA GLU K 441 -51.19 -0.73 16.03
C GLU K 441 -52.00 -1.73 15.20
N CYS K 442 -51.29 -2.52 14.40
CA CYS K 442 -51.93 -3.53 13.57
C CYS K 442 -52.73 -4.52 14.41
N MET K 443 -52.10 -4.99 15.49
CA MET K 443 -52.74 -5.95 16.38
C MET K 443 -54.09 -5.42 16.86
N ALA K 444 -54.15 -4.13 17.13
CA ALA K 444 -55.39 -3.50 17.58
C ALA K 444 -56.41 -3.42 16.44
N ARG K 445 -55.97 -3.00 15.25
CA ARG K 445 -56.87 -2.81 14.13
C ARG K 445 -57.42 -4.13 13.59
N ILE K 446 -56.74 -5.24 13.87
CA ILE K 446 -57.31 -6.53 13.50
C ILE K 446 -58.16 -7.10 14.64
N LYS K 447 -57.77 -6.91 15.90
CA LYS K 447 -58.56 -7.40 17.01
C LYS K 447 -59.87 -6.64 17.16
N HIS K 448 -59.96 -5.43 16.60
CA HIS K 448 -61.23 -4.71 16.62
C HIS K 448 -62.26 -5.36 15.71
N ALA K 449 -61.85 -5.67 14.47
CA ALA K 449 -62.78 -6.09 13.42
C ALA K 449 -62.91 -7.60 13.27
N HIS K 450 -61.78 -8.33 13.25
CA HIS K 450 -61.76 -9.78 13.11
C HIS K 450 -62.82 -10.47 13.97
N GLU K 451 -62.90 -10.12 15.24
CA GLU K 451 -63.85 -10.75 16.15
C GLU K 451 -65.30 -10.48 15.77
N ASN K 452 -65.56 -9.44 14.99
CA ASN K 452 -66.92 -9.10 14.57
C ASN K 452 -67.28 -9.71 13.22
N ASP K 453 -66.60 -10.79 12.83
CA ASP K 453 -66.94 -11.57 11.63
C ASP K 453 -66.83 -10.73 10.36
N ILE K 454 -65.63 -10.21 10.11
CA ILE K 454 -65.36 -9.50 8.87
C ILE K 454 -64.32 -10.30 8.07
N THR K 455 -63.49 -11.07 8.78
CA THR K 455 -62.46 -11.93 8.18
C THR K 455 -61.50 -11.11 7.32
N HIS K 456 -60.73 -10.27 8.00
CA HIS K 456 -59.71 -9.46 7.34
C HIS K 456 -58.46 -10.30 7.12
N PHE K 457 -57.99 -10.34 5.87
CA PHE K 457 -56.84 -11.15 5.48
C PHE K 457 -55.89 -10.37 4.57
N TYR K 458 -55.55 -9.13 4.94
CA TYR K 458 -54.60 -8.31 4.18
C TYR K 458 -53.55 -7.74 5.12
N MET K 459 -52.47 -8.48 5.33
CA MET K 459 -51.35 -8.05 6.15
C MET K 459 -50.05 -8.58 5.55
N LEU K 460 -49.07 -7.70 5.38
CA LEU K 460 -47.81 -8.04 4.72
C LEU K 460 -46.71 -7.16 5.31
N THR K 461 -45.75 -7.80 5.98
CA THR K 461 -44.74 -7.08 6.75
C THR K 461 -43.56 -6.69 5.87
N ILE K 462 -43.02 -5.50 6.07
CA ILE K 462 -41.89 -5.03 5.28
C ILE K 462 -40.65 -4.88 6.15
N ASP K 463 -40.89 -4.42 7.36
CA ASP K 463 -39.84 -4.19 8.36
C ASP K 463 -40.50 -4.16 9.73
N LYS K 464 -39.70 -4.18 10.79
CA LYS K 464 -40.27 -4.04 12.12
C LYS K 464 -40.78 -2.60 12.14
N ASP K 465 -42.04 -2.47 12.58
CA ASP K 465 -42.85 -1.25 12.71
C ASP K 465 -43.46 -0.79 11.40
N ARG K 466 -43.34 -1.63 10.38
CA ARG K 466 -43.90 -1.35 9.07
C ARG K 466 -44.86 -2.48 8.71
N ILE K 467 -46.11 -2.13 8.38
CA ILE K 467 -47.10 -3.13 8.02
C ILE K 467 -48.00 -2.51 6.99
N ILE K 468 -48.00 -3.03 5.77
CA ILE K 468 -48.85 -2.41 4.77
C ILE K 468 -50.22 -3.07 4.83
N ASP K 469 -51.26 -2.26 4.99
CA ASP K 469 -52.62 -2.75 5.16
C ASP K 469 -53.46 -2.35 3.96
N ALA K 470 -54.30 -3.28 3.51
CA ALA K 470 -55.09 -3.11 2.30
C ALA K 470 -56.57 -2.91 2.63
N GLY K 471 -56.86 -2.10 3.63
CA GLY K 471 -58.20 -1.85 4.09
C GLY K 471 -58.75 -0.56 3.53
N PRO K 472 -58.68 0.51 4.32
CA PRO K 472 -59.24 1.81 3.92
C PRO K 472 -58.97 2.20 2.48
N LYS K 473 -57.72 2.08 2.05
CA LYS K 473 -57.31 2.45 0.71
C LYS K 473 -56.70 1.23 0.03
N GLY K 474 -56.20 1.43 -1.19
CA GLY K 474 -55.59 0.32 -1.92
C GLY K 474 -55.40 0.67 -3.38
N ASN K 475 -55.21 -0.38 -4.18
CA ASN K 475 -54.95 -0.26 -5.60
C ASN K 475 -55.51 -1.50 -6.28
N TYR K 476 -55.07 -1.77 -7.51
CA TYR K 476 -55.31 -3.08 -8.11
C TYR K 476 -54.45 -4.17 -7.46
N SER K 477 -53.75 -3.79 -6.39
CA SER K 477 -52.78 -4.65 -5.72
C SER K 477 -53.44 -5.54 -4.67
N ARG K 478 -54.34 -4.96 -3.85
CA ARG K 478 -55.16 -5.78 -2.98
C ARG K 478 -55.90 -6.86 -3.77
N PHE K 479 -56.07 -6.64 -5.06
CA PHE K 479 -56.90 -7.49 -5.91
C PHE K 479 -56.10 -8.67 -6.43
N MET K 480 -55.48 -9.43 -5.53
CA MET K 480 -54.63 -10.55 -5.91
C MET K 480 -55.15 -11.84 -5.28
N ASN K 481 -54.50 -12.96 -5.59
CA ASN K 481 -54.96 -14.26 -5.16
C ASN K 481 -53.79 -15.18 -4.88
N HIS K 482 -53.84 -15.86 -3.75
CA HIS K 482 -52.81 -16.83 -3.36
C HIS K 482 -52.86 -18.05 -4.27
N SER K 483 -51.74 -18.76 -4.35
CA SER K 483 -51.66 -20.04 -5.04
C SER K 483 -50.46 -20.81 -4.49
N CYS K 484 -50.10 -21.88 -5.19
CA CYS K 484 -48.92 -22.66 -4.86
C CYS K 484 -47.97 -22.85 -6.04
N GLN K 485 -48.47 -22.77 -7.26
CA GLN K 485 -47.63 -22.87 -8.46
C GLN K 485 -47.91 -21.68 -9.35
N PRO K 486 -47.38 -20.51 -9.00
CA PRO K 486 -47.73 -19.28 -9.72
C PRO K 486 -46.83 -19.02 -10.91
N ASN K 487 -47.04 -17.87 -11.56
CA ASN K 487 -46.17 -17.39 -12.62
C ASN K 487 -45.65 -15.99 -12.31
N CYS K 488 -45.58 -15.64 -11.02
CA CYS K 488 -45.08 -14.35 -10.59
C CYS K 488 -44.77 -14.43 -9.10
N GLU K 489 -43.92 -13.53 -8.63
CA GLU K 489 -43.52 -13.55 -7.23
C GLU K 489 -43.45 -12.17 -6.63
N ALA K 490 -43.21 -12.15 -5.33
CA ALA K 490 -43.12 -10.90 -4.57
C ALA K 490 -41.66 -10.60 -4.26
N LEU K 491 -41.19 -9.46 -4.76
CA LEU K 491 -39.83 -8.99 -4.51
C LEU K 491 -39.85 -7.78 -3.57
N LYS K 492 -38.70 -7.15 -3.41
CA LYS K 492 -38.56 -6.05 -2.47
C LYS K 492 -37.43 -5.15 -2.94
N TRP K 493 -37.77 -3.95 -3.41
CA TRP K 493 -36.82 -2.95 -3.83
C TRP K 493 -36.82 -1.79 -2.83
N THR K 494 -35.86 -0.90 -3.00
CA THR K 494 -35.79 0.33 -2.22
C THR K 494 -35.54 1.51 -3.15
N VAL K 495 -36.31 2.57 -2.97
CA VAL K 495 -36.21 3.77 -3.79
C VAL K 495 -36.20 4.99 -2.88
N ASN K 496 -35.39 5.99 -3.26
CA ASN K 496 -35.35 7.27 -2.55
C ASN K 496 -35.22 7.07 -1.04
N GLY K 497 -34.42 6.07 -0.65
CA GLY K 497 -34.18 5.78 0.74
C GLY K 497 -35.24 4.94 1.43
N ASP K 498 -36.35 4.64 0.77
CA ASP K 498 -37.41 3.87 1.38
C ASP K 498 -37.70 2.60 0.56
N THR K 499 -38.21 1.59 1.25
CA THR K 499 -38.47 0.30 0.64
C THR K 499 -39.65 0.39 -0.32
N ARG K 500 -39.78 -0.64 -1.16
CA ARG K 500 -40.91 -0.78 -2.08
C ARG K 500 -41.24 -2.27 -2.20
N VAL K 501 -42.37 -2.56 -2.84
CA VAL K 501 -42.80 -3.93 -3.09
C VAL K 501 -43.42 -3.98 -4.48
N GLY K 502 -42.82 -4.74 -5.38
CA GLY K 502 -43.35 -4.85 -6.72
C GLY K 502 -43.40 -6.27 -7.26
N LEU K 503 -44.61 -6.74 -7.57
CA LEU K 503 -44.75 -8.05 -8.19
C LEU K 503 -44.20 -8.01 -9.61
N PHE K 504 -43.50 -9.06 -10.01
CA PHE K 504 -42.77 -9.08 -11.27
C PHE K 504 -43.23 -10.24 -12.13
N ALA K 505 -42.78 -10.22 -13.38
CA ALA K 505 -43.05 -11.30 -14.32
C ALA K 505 -41.85 -12.25 -14.34
N VAL K 506 -42.07 -13.50 -13.94
CA VAL K 506 -40.99 -14.47 -13.93
C VAL K 506 -40.75 -15.11 -15.29
N CYS K 507 -41.77 -15.16 -16.15
CA CYS K 507 -41.65 -15.77 -17.46
C CYS K 507 -42.40 -14.92 -18.48
N ASP K 508 -42.47 -15.42 -19.71
CA ASP K 508 -43.23 -14.78 -20.78
C ASP K 508 -44.61 -15.44 -20.84
N ILE K 509 -45.58 -14.84 -20.19
CA ILE K 509 -46.92 -15.39 -20.07
C ILE K 509 -47.85 -14.61 -21.01
N PRO K 510 -48.62 -15.28 -21.86
CA PRO K 510 -49.52 -14.56 -22.76
C PRO K 510 -50.86 -14.24 -22.12
N ALA K 511 -51.79 -13.69 -22.92
CA ALA K 511 -53.13 -13.40 -22.43
C ALA K 511 -53.90 -14.70 -22.21
N GLY K 512 -55.10 -14.57 -21.67
CA GLY K 512 -55.92 -15.74 -21.40
C GLY K 512 -55.37 -16.63 -20.31
N THR K 513 -54.56 -16.09 -19.41
CA THR K 513 -53.95 -16.86 -18.33
C THR K 513 -54.26 -16.21 -17.00
N GLU K 514 -54.54 -17.03 -16.00
CA GLU K 514 -54.79 -16.54 -14.65
C GLU K 514 -53.52 -15.93 -14.08
N LEU K 515 -53.69 -14.89 -13.26
CA LEU K 515 -52.59 -14.15 -12.65
C LEU K 515 -52.63 -14.42 -11.14
N THR K 516 -51.57 -15.04 -10.62
CA THR K 516 -51.52 -15.36 -9.20
C THR K 516 -50.08 -15.49 -8.74
N PHE K 517 -49.89 -15.40 -7.43
CA PHE K 517 -48.57 -15.49 -6.82
C PHE K 517 -48.69 -16.27 -5.51
N ASN K 518 -47.82 -17.26 -5.31
CA ASN K 518 -47.79 -17.94 -4.03
C ASN K 518 -47.18 -17.03 -2.98
N TYR K 519 -47.42 -17.35 -1.70
CA TYR K 519 -46.83 -16.57 -0.62
C TYR K 519 -46.77 -17.41 0.64
N ASN K 520 -45.85 -16.99 1.52
CA ASN K 520 -45.63 -17.61 2.82
C ASN K 520 -46.23 -16.69 3.88
N LEU K 521 -46.70 -17.26 4.98
CA LEU K 521 -47.36 -16.49 6.02
C LEU K 521 -47.00 -17.09 7.37
N ASP K 522 -47.50 -16.48 8.44
CA ASP K 522 -47.32 -17.00 9.80
C ASP K 522 -48.50 -16.48 10.62
N CYS K 523 -49.49 -17.32 10.83
CA CYS K 523 -50.71 -16.90 11.48
C CYS K 523 -50.51 -16.75 12.98
N LEU K 524 -51.42 -15.99 13.60
CA LEU K 524 -51.46 -15.87 15.05
C LEU K 524 -52.51 -16.76 15.70
N GLY K 525 -53.50 -17.21 14.94
CA GLY K 525 -54.54 -18.08 15.46
C GLY K 525 -54.41 -19.51 15.00
N ASN K 526 -55.19 -19.91 13.99
CA ASN K 526 -55.17 -21.28 13.50
C ASN K 526 -55.45 -21.29 12.01
N GLU K 527 -55.32 -22.47 11.42
CA GLU K 527 -55.67 -22.66 10.01
C GLU K 527 -57.18 -22.69 9.85
N LYS K 528 -57.66 -22.24 8.70
CA LYS K 528 -59.09 -22.26 8.39
C LYS K 528 -59.40 -22.84 7.02
N THR K 529 -58.40 -23.16 6.20
CA THR K 529 -58.66 -23.75 4.90
C THR K 529 -57.43 -24.49 4.39
N VAL K 530 -57.61 -25.74 3.95
CA VAL K 530 -56.54 -26.46 3.28
C VAL K 530 -56.19 -25.72 1.99
N CYS K 531 -54.89 -25.63 1.71
CA CYS K 531 -54.43 -24.97 0.49
C CYS K 531 -55.13 -25.56 -0.73
N ARG K 532 -55.78 -24.69 -1.50
CA ARG K 532 -56.60 -25.12 -2.62
C ARG K 532 -56.30 -24.21 -3.80
N CYS K 533 -55.52 -24.72 -4.75
CA CYS K 533 -55.09 -23.92 -5.88
C CYS K 533 -55.60 -24.48 -7.20
N GLY K 534 -55.34 -25.76 -7.44
CA GLY K 534 -55.67 -26.39 -8.69
C GLY K 534 -54.44 -26.95 -9.39
N ALA K 535 -53.36 -27.09 -8.64
CA ALA K 535 -52.11 -27.62 -9.16
C ALA K 535 -52.06 -29.14 -8.92
N SER K 536 -50.88 -29.73 -9.10
CA SER K 536 -50.71 -31.16 -8.90
C SER K 536 -50.34 -31.50 -7.46
N ASN K 537 -49.42 -30.74 -6.88
CA ASN K 537 -48.97 -30.96 -5.51
C ASN K 537 -49.37 -29.82 -4.57
N CYS K 538 -50.50 -29.17 -4.87
CA CYS K 538 -50.94 -27.99 -4.12
C CYS K 538 -51.82 -28.34 -2.93
N SER K 539 -51.66 -29.54 -2.35
CA SER K 539 -52.48 -29.94 -1.21
C SER K 539 -52.31 -28.95 -0.05
N GLY K 540 -51.12 -28.93 0.55
CA GLY K 540 -50.77 -27.92 1.53
C GLY K 540 -51.79 -27.65 2.61
N PHE K 541 -51.72 -26.46 3.20
CA PHE K 541 -52.68 -25.97 4.19
C PHE K 541 -52.59 -24.44 4.15
N LEU K 542 -53.16 -23.78 5.15
CA LEU K 542 -52.93 -22.35 5.37
C LEU K 542 -52.13 -22.23 6.67
N GLY K 543 -50.81 -22.21 6.52
CA GLY K 543 -49.91 -22.16 7.66
C GLY K 543 -48.66 -22.99 7.46
N ASP K 544 -48.73 -23.93 6.53
CA ASP K 544 -47.61 -24.82 6.22
C ASP K 544 -47.00 -24.47 4.87
N ARG K 545 -45.76 -24.89 4.65
CA ARG K 545 -45.07 -24.64 3.39
C ARG K 545 -45.24 -25.81 2.44
N SAM L . -60.05 -13.26 -5.80
CA SAM L . -60.92 -12.26 -5.22
C SAM L . -60.82 -10.92 -5.94
O SAM L . -61.45 -9.94 -5.56
OXT SAM L . -60.08 -10.78 -6.91
CB SAM L . -60.61 -12.07 -3.73
CG SAM L . -59.15 -11.80 -3.42
SD SAM L . -58.75 -12.14 -1.69
CE SAM L . -57.19 -11.23 -1.52
C5' SAM L . -58.14 -13.83 -1.85
C4' SAM L . -59.06 -14.84 -1.18
O4' SAM L . -58.73 -16.14 -1.61
C3' SAM L . -58.91 -14.80 0.34
O3' SAM L . -60.16 -14.58 0.92
C2' SAM L . -58.45 -16.19 0.73
O2' SAM L . -59.21 -16.66 1.81
C1' SAM L . -58.71 -17.02 -0.50
N9 SAM L . -57.64 -18.02 -0.67
C8 SAM L . -56.30 -17.77 -0.69
N7 SAM L . -55.66 -18.95 -0.87
C5 SAM L . -56.58 -19.94 -0.97
C6 SAM L . -56.47 -21.30 -1.16
N6 SAM L . -55.28 -21.87 -1.28
N1 SAM L . -57.61 -22.07 -1.22
C2 SAM L . -58.86 -21.48 -1.09
N3 SAM L . -58.95 -20.12 -0.91
C4 SAM L . -57.84 -19.36 -0.85
ZN ZN M . -27.22 1.93 -15.64
ZN ZN N . -30.26 5.60 -14.09
ZN ZN O . -53.08 -25.70 -3.44
#